data_1F0J
#
_entry.id   1F0J
#
_cell.length_a   104.540
_cell.length_b   159.580
_cell.length_c   109.040
_cell.angle_alpha   90.00
_cell.angle_beta   90.00
_cell.angle_gamma   90.00
#
_symmetry.space_group_name_H-M   'C 2 2 21'
#
loop_
_entity.id
_entity.type
_entity.pdbx_description
1 polymer 'PHOSPHODIESTERASE 4B'
2 non-polymer 'ZINC ION'
3 non-polymer 'MAGNESIUM ION'
4 non-polymer ARSENIC
5 water water
#
_entity_poly.entity_id   1
_entity_poly.type   'polypeptide(L)'
_entity_poly.pdbx_seq_one_letter_code
;SISRFGVNTENEDHLAKELEDLNKWGLNIFNVAGYSHNRPLTCIMYAIFQERDLLKTFRISSDTFITYMMTLEDHYHSDV
AYHNSLHAADVAQSTHVLLSTPALDAVFTDLEILAAIFAAAIHDVDHPGVSNQFLINTNSELALMYNDESVLENHHLAVG
FKLLQEEHCDIFMNLTKKQRQTLRKMVIDMVLATDMSKHMSLLADLKTMVETKKVTSSGVLLLDNYTDRIQVLRNMVHCA
DLSNPTKSLELYRQWTDRIMEEFFQQGDKERERGMEISPMCDKHTASVEKSQVGFIDYIVHPLWETWADLVQPDAQDILD
TLEDNRNWYQSMIPQAPAPPLDEQNRDCQGLMEKFQFELTLDEEDSEGPEKEGEGHS
;
_entity_poly.pdbx_strand_id   A,B
#
loop_
_chem_comp.id
_chem_comp.type
_chem_comp.name
_chem_comp.formula
ARS non-polymer ARSENIC As
MG non-polymer 'MAGNESIUM ION' 'Mg 2'
ZN non-polymer 'ZINC ION' 'Zn 2'
#
# COMPACT_ATOMS: atom_id res chain seq x y z
N SER A 1 -20.68 24.16 2.50
CA SER A 1 -21.82 23.81 1.62
C SER A 1 -21.26 23.33 0.28
N ILE A 2 -21.72 22.15 -0.14
CA ILE A 2 -21.26 21.53 -1.37
C ILE A 2 -21.53 22.39 -2.61
N SER A 3 -22.51 23.28 -2.51
CA SER A 3 -22.87 24.14 -3.63
C SER A 3 -21.81 25.20 -3.86
N ARG A 4 -21.17 25.65 -2.79
CA ARG A 4 -20.10 26.65 -2.89
C ARG A 4 -18.94 26.01 -3.65
N PHE A 5 -18.81 24.69 -3.53
CA PHE A 5 -17.75 23.95 -4.20
C PHE A 5 -18.12 23.59 -5.63
N GLY A 6 -19.40 23.78 -5.98
CA GLY A 6 -19.85 23.47 -7.33
C GLY A 6 -19.71 22.01 -7.70
N VAL A 7 -19.76 21.14 -6.69
CA VAL A 7 -19.63 19.70 -6.90
C VAL A 7 -21.00 19.03 -7.00
N ASN A 8 -21.15 18.14 -7.98
CA ASN A 8 -22.43 17.43 -8.14
C ASN A 8 -22.43 16.17 -7.29
N THR A 9 -23.57 15.50 -7.20
CA THR A 9 -23.66 14.30 -6.36
C THR A 9 -22.71 13.18 -6.78
N GLU A 10 -22.47 13.04 -8.07
CA GLU A 10 -21.56 11.98 -8.53
C GLU A 10 -20.16 12.17 -7.98
N ASN A 11 -19.62 13.38 -8.08
CA ASN A 11 -18.29 13.65 -7.57
C ASN A 11 -18.27 13.78 -6.06
N GLU A 12 -19.43 14.09 -5.48
CA GLU A 12 -19.52 14.19 -4.03
C GLU A 12 -19.36 12.76 -3.51
N ASP A 13 -19.93 11.80 -4.24
CA ASP A 13 -19.82 10.39 -3.84
C ASP A 13 -18.36 9.94 -3.96
N HIS A 14 -17.67 10.40 -5.01
CA HIS A 14 -16.27 10.06 -5.20
C HIS A 14 -15.45 10.62 -4.05
N LEU A 15 -15.74 11.86 -3.66
CA LEU A 15 -15.04 12.51 -2.57
C LEU A 15 -15.29 11.81 -1.24
N ALA A 16 -16.49 11.27 -1.06
CA ALA A 16 -16.83 10.58 0.17
C ALA A 16 -15.90 9.37 0.31
N LYS A 17 -15.62 8.73 -0.82
CA LYS A 17 -14.74 7.58 -0.85
C LYS A 17 -13.32 8.02 -0.53
N GLU A 18 -12.85 9.06 -1.20
CA GLU A 18 -11.50 9.57 -0.97
C GLU A 18 -11.30 10.04 0.48
N LEU A 19 -12.29 10.78 1.01
CA LEU A 19 -12.19 11.31 2.36
C LEU A 19 -12.25 10.28 3.48
N GLU A 20 -12.37 9.00 3.12
CA GLU A 20 -12.37 7.97 4.16
C GLU A 20 -10.97 8.00 4.78
N ASP A 21 -10.01 8.51 4.01
CA ASP A 21 -8.63 8.61 4.47
C ASP A 21 -8.26 9.99 5.00
N LEU A 22 -9.27 10.80 5.33
CA LEU A 22 -9.02 12.13 5.85
C LEU A 22 -8.02 12.18 6.99
N ASN A 23 -8.12 11.23 7.91
CA ASN A 23 -7.22 11.20 9.06
C ASN A 23 -6.05 10.24 8.85
N LYS A 24 -5.80 9.88 7.60
CA LYS A 24 -4.72 8.93 7.29
C LYS A 24 -3.62 9.52 6.41
N TRP A 25 -2.41 9.00 6.57
CA TRP A 25 -1.24 9.45 5.81
C TRP A 25 -1.40 9.08 4.33
N GLY A 26 -2.18 8.04 4.07
CA GLY A 26 -2.38 7.58 2.70
C GLY A 26 -3.42 8.32 1.88
N LEU A 27 -3.98 9.39 2.43
CA LEU A 27 -4.97 10.16 1.68
C LEU A 27 -4.30 10.63 0.38
N ASN A 28 -5.04 10.62 -0.70
CA ASN A 28 -4.50 11.07 -1.98
C ASN A 28 -5.12 12.43 -2.28
N ILE A 29 -4.36 13.48 -2.04
CA ILE A 29 -4.84 14.85 -2.24
C ILE A 29 -4.99 15.18 -3.72
N PHE A 30 -4.28 14.45 -4.59
CA PHE A 30 -4.39 14.68 -6.03
C PHE A 30 -5.80 14.27 -6.44
N ASN A 31 -6.29 13.16 -5.88
CA ASN A 31 -7.64 12.70 -6.21
C ASN A 31 -8.68 13.70 -5.68
N VAL A 32 -8.44 14.23 -4.49
CA VAL A 32 -9.35 15.20 -3.89
C VAL A 32 -9.45 16.42 -4.80
N ALA A 33 -8.31 16.88 -5.30
CA ALA A 33 -8.32 18.04 -6.19
C ALA A 33 -9.12 17.74 -7.44
N GLY A 34 -8.93 16.54 -8.00
CA GLY A 34 -9.63 16.15 -9.20
C GLY A 34 -11.15 16.10 -9.07
N TYR A 35 -11.64 15.82 -7.87
CA TYR A 35 -13.09 15.75 -7.66
C TYR A 35 -13.67 17.02 -7.06
N SER A 36 -12.83 18.02 -6.80
CA SER A 36 -13.32 19.26 -6.20
C SER A 36 -13.07 20.50 -7.05
N HIS A 37 -13.01 20.32 -8.36
CA HIS A 37 -12.75 21.42 -9.29
C HIS A 37 -11.46 22.13 -8.89
N ASN A 38 -10.47 21.33 -8.54
CA ASN A 38 -9.16 21.82 -8.13
C ASN A 38 -9.16 22.82 -7.00
N ARG A 39 -9.92 22.55 -5.95
CA ARG A 39 -9.92 23.40 -4.77
C ARG A 39 -9.60 22.47 -3.60
N PRO A 40 -8.49 21.73 -3.70
CA PRO A 40 -8.09 20.79 -2.64
C PRO A 40 -7.85 21.44 -1.27
N LEU A 41 -7.28 22.63 -1.25
CA LEU A 41 -7.02 23.30 0.02
C LEU A 41 -8.32 23.64 0.75
N THR A 42 -9.27 24.23 0.04
CA THR A 42 -10.52 24.60 0.69
C THR A 42 -11.33 23.37 1.08
N CYS A 43 -11.37 22.39 0.18
CA CYS A 43 -12.11 21.16 0.46
C CYS A 43 -11.53 20.40 1.64
N ILE A 44 -10.21 20.17 1.63
CA ILE A 44 -9.60 19.43 2.72
C ILE A 44 -9.65 20.22 4.03
N MET A 45 -9.53 21.53 3.97
CA MET A 45 -9.58 22.34 5.19
C MET A 45 -11.01 22.30 5.77
N TYR A 46 -12.01 22.33 4.89
CA TYR A 46 -13.38 22.27 5.35
C TYR A 46 -13.61 20.90 6.01
N ALA A 47 -13.13 19.85 5.37
CA ALA A 47 -13.27 18.50 5.90
C ALA A 47 -12.58 18.39 7.26
N ILE A 48 -11.37 18.95 7.35
CA ILE A 48 -10.61 18.92 8.59
C ILE A 48 -11.32 19.69 9.71
N PHE A 49 -11.78 20.90 9.40
CA PHE A 49 -12.44 21.71 10.41
C PHE A 49 -13.75 21.07 10.88
N GLN A 50 -14.45 20.38 9.99
CA GLN A 50 -15.70 19.71 10.37
C GLN A 50 -15.31 18.55 11.28
N GLU A 51 -14.33 17.78 10.85
CA GLU A 51 -13.84 16.63 11.60
C GLU A 51 -13.40 16.99 13.02
N ARG A 52 -12.76 18.15 13.17
CA ARG A 52 -12.29 18.60 14.48
C ARG A 52 -13.23 19.56 15.20
N ASP A 53 -14.42 19.76 14.63
CA ASP A 53 -15.41 20.66 15.22
C ASP A 53 -14.85 22.07 15.49
N LEU A 54 -13.83 22.44 14.73
CA LEU A 54 -13.21 23.75 14.90
C LEU A 54 -14.15 24.92 14.61
N LEU A 55 -15.05 24.74 13.63
CA LEU A 55 -16.01 25.80 13.30
C LEU A 55 -16.91 26.06 14.49
N LYS A 56 -17.31 24.98 15.16
CA LYS A 56 -18.19 25.10 16.32
C LYS A 56 -17.45 25.78 17.48
N THR A 57 -16.28 25.27 17.82
CA THR A 57 -15.47 25.80 18.92
C THR A 57 -15.14 27.28 18.81
N PHE A 58 -14.79 27.72 17.61
CA PHE A 58 -14.39 29.11 17.42
C PHE A 58 -15.44 30.03 16.80
N ARG A 59 -16.68 29.54 16.74
CA ARG A 59 -17.78 30.30 16.21
C ARG A 59 -17.51 30.83 14.80
N ILE A 60 -17.08 29.94 13.92
CA ILE A 60 -16.80 30.30 12.54
C ILE A 60 -17.92 29.70 11.71
N SER A 61 -18.69 30.55 11.03
CA SER A 61 -19.76 30.05 10.18
C SER A 61 -19.14 29.41 8.94
N SER A 62 -19.83 28.43 8.37
CA SER A 62 -19.33 27.77 7.16
C SER A 62 -19.16 28.81 6.07
N ASP A 63 -20.04 29.81 6.11
CA ASP A 63 -19.99 30.87 5.12
C ASP A 63 -18.67 31.64 5.21
N THR A 64 -18.32 32.11 6.41
CA THR A 64 -17.07 32.84 6.58
C THR A 64 -15.87 31.97 6.25
N PHE A 65 -15.88 30.73 6.74
CA PHE A 65 -14.77 29.83 6.51
C PHE A 65 -14.51 29.54 5.02
N ILE A 66 -15.55 29.15 4.30
CA ILE A 66 -15.40 28.84 2.89
C ILE A 66 -15.02 30.09 2.09
N THR A 67 -15.60 31.24 2.44
CA THR A 67 -15.26 32.46 1.72
C THR A 67 -13.78 32.77 1.90
N TYR A 68 -13.30 32.70 3.14
CA TYR A 68 -11.89 32.96 3.38
C TYR A 68 -11.00 31.92 2.71
N MET A 69 -11.33 30.63 2.89
CA MET A 69 -10.49 29.59 2.30
C MET A 69 -10.43 29.68 0.78
N MET A 70 -11.56 29.94 0.14
CA MET A 70 -11.58 30.05 -1.31
C MET A 70 -10.77 31.25 -1.77
N THR A 71 -10.77 32.31 -0.95
CA THR A 71 -10.01 33.52 -1.25
C THR A 71 -8.52 33.21 -1.10
N LEU A 72 -8.18 32.58 0.02
CA LEU A 72 -6.79 32.21 0.27
C LEU A 72 -6.29 31.27 -0.83
N GLU A 73 -7.06 30.22 -1.12
CA GLU A 73 -6.65 29.25 -2.12
C GLU A 73 -6.44 29.91 -3.47
N ASP A 74 -7.23 30.92 -3.78
CA ASP A 74 -7.07 31.59 -5.07
C ASP A 74 -5.82 32.45 -5.12
N HIS A 75 -5.20 32.68 -3.96
CA HIS A 75 -3.97 33.47 -3.93
C HIS A 75 -2.74 32.61 -4.08
N TYR A 76 -2.95 31.29 -4.20
CA TYR A 76 -1.85 30.39 -4.49
C TYR A 76 -1.84 30.45 -6.02
N HIS A 77 -0.68 30.26 -6.64
CA HIS A 77 -0.56 30.32 -8.10
C HIS A 77 -0.73 28.95 -8.74
N SER A 78 -1.83 28.76 -9.47
CA SER A 78 -2.07 27.45 -10.09
C SER A 78 -1.06 27.11 -11.18
N ASP A 79 -0.34 28.13 -11.66
CA ASP A 79 0.65 27.88 -12.71
C ASP A 79 2.07 27.64 -12.18
N VAL A 80 2.19 27.57 -10.85
CA VAL A 80 3.46 27.28 -10.19
C VAL A 80 3.35 25.75 -9.99
N ALA A 81 4.33 25.01 -10.51
CA ALA A 81 4.30 23.54 -10.48
C ALA A 81 4.21 22.84 -9.13
N TYR A 82 4.91 23.36 -8.13
CA TYR A 82 4.90 22.73 -6.82
C TYR A 82 4.26 23.56 -5.70
N HIS A 83 4.75 24.78 -5.48
CA HIS A 83 4.20 25.60 -4.41
C HIS A 83 2.86 26.23 -4.74
N ASN A 84 1.88 25.38 -5.02
CA ASN A 84 0.52 25.81 -5.33
C ASN A 84 -0.43 25.33 -4.21
N SER A 85 -1.74 25.44 -4.41
CA SER A 85 -2.66 25.05 -3.33
C SER A 85 -2.71 23.55 -3.06
N LEU A 86 -2.24 22.74 -4.00
CA LEU A 86 -2.24 21.29 -3.80
C LEU A 86 -1.19 20.98 -2.73
N HIS A 87 -0.07 21.69 -2.78
CA HIS A 87 0.98 21.51 -1.79
C HIS A 87 0.49 22.02 -0.43
N ALA A 88 -0.17 23.17 -0.43
CA ALA A 88 -0.68 23.70 0.83
C ALA A 88 -1.70 22.74 1.44
N ALA A 89 -2.55 22.17 0.58
CA ALA A 89 -3.59 21.23 1.01
C ALA A 89 -2.93 20.01 1.66
N ASP A 90 -1.88 19.54 0.99
CA ASP A 90 -1.12 18.40 1.46
C ASP A 90 -0.48 18.66 2.82
N VAL A 91 0.14 19.83 2.98
CA VAL A 91 0.78 20.16 4.25
C VAL A 91 -0.26 20.30 5.36
N ALA A 92 -1.41 20.91 5.03
CA ALA A 92 -2.48 21.09 6.00
C ALA A 92 -3.02 19.73 6.46
N GLN A 93 -3.32 18.85 5.51
CA GLN A 93 -3.85 17.53 5.83
C GLN A 93 -2.79 16.70 6.56
N SER A 94 -1.53 16.83 6.17
CA SER A 94 -0.46 16.10 6.83
C SER A 94 -0.31 16.58 8.28
N THR A 95 -0.45 17.89 8.47
CA THR A 95 -0.35 18.46 9.81
C THR A 95 -1.52 17.97 10.65
N HIS A 96 -2.68 17.86 10.02
CA HIS A 96 -3.90 17.39 10.69
C HIS A 96 -3.68 15.97 11.18
N VAL A 97 -2.95 15.17 10.41
CA VAL A 97 -2.67 13.79 10.81
C VAL A 97 -1.65 13.77 11.95
N LEU A 98 -0.57 14.53 11.80
CA LEU A 98 0.47 14.58 12.82
C LEU A 98 -0.08 15.06 14.16
N LEU A 99 -1.01 16.01 14.14
CA LEU A 99 -1.59 16.52 15.38
C LEU A 99 -2.30 15.43 16.18
N SER A 100 -2.79 14.40 15.50
CA SER A 100 -3.50 13.33 16.18
C SER A 100 -2.63 12.13 16.50
N THR A 101 -1.32 12.30 16.42
CA THR A 101 -0.43 11.18 16.73
C THR A 101 -0.61 10.87 18.22
N PRO A 102 -0.77 9.57 18.55
CA PRO A 102 -0.96 9.13 19.93
C PRO A 102 -0.09 9.84 20.99
N ALA A 103 1.20 9.98 20.71
CA ALA A 103 2.13 10.61 21.63
C ALA A 103 1.78 12.05 22.02
N LEU A 104 1.00 12.73 21.18
CA LEU A 104 0.64 14.12 21.45
C LEU A 104 -0.81 14.28 21.92
N ASP A 105 -1.48 13.17 22.17
CA ASP A 105 -2.87 13.22 22.61
C ASP A 105 -3.11 14.17 23.79
N ALA A 106 -4.10 15.04 23.63
CA ALA A 106 -4.49 16.00 24.66
C ALA A 106 -3.39 16.99 25.08
N VAL A 107 -2.32 17.08 24.30
CA VAL A 107 -1.24 18.01 24.62
C VAL A 107 -1.56 19.45 24.23
N PHE A 108 -2.09 19.63 23.03
CA PHE A 108 -2.40 20.97 22.52
C PHE A 108 -3.83 21.46 22.75
N THR A 109 -3.97 22.77 22.90
CA THR A 109 -5.27 23.39 23.10
C THR A 109 -5.94 23.48 21.74
N ASP A 110 -7.22 23.83 21.73
CA ASP A 110 -7.91 23.95 20.45
C ASP A 110 -7.34 25.13 19.66
N LEU A 111 -6.86 26.15 20.36
CA LEU A 111 -6.30 27.33 19.71
C LEU A 111 -4.97 26.97 19.04
N GLU A 112 -4.20 26.08 19.67
CA GLU A 112 -2.91 25.66 19.12
C GLU A 112 -3.14 24.77 17.90
N ILE A 113 -4.19 23.94 17.96
CA ILE A 113 -4.52 23.06 16.85
C ILE A 113 -4.97 23.93 15.68
N LEU A 114 -5.80 24.92 15.98
CA LEU A 114 -6.30 25.85 14.97
C LEU A 114 -5.12 26.59 14.33
N ALA A 115 -4.22 27.09 15.18
CA ALA A 115 -3.07 27.82 14.69
C ALA A 115 -2.16 26.99 13.78
N ALA A 116 -1.91 25.74 14.15
CA ALA A 116 -1.05 24.87 13.36
C ALA A 116 -1.61 24.55 11.98
N ILE A 117 -2.88 24.21 11.94
CA ILE A 117 -3.51 23.87 10.66
C ILE A 117 -3.63 25.13 9.81
N PHE A 118 -3.95 26.25 10.45
CA PHE A 118 -4.07 27.51 9.73
C PHE A 118 -2.70 27.87 9.14
N ALA A 119 -1.66 27.71 9.95
CA ALA A 119 -0.30 28.00 9.50
C ALA A 119 0.04 27.17 8.27
N ALA A 120 -0.23 25.87 8.34
CA ALA A 120 0.04 24.98 7.21
C ALA A 120 -0.70 25.45 5.97
N ALA A 121 -1.96 25.85 6.13
CA ALA A 121 -2.78 26.28 5.01
C ALA A 121 -2.24 27.53 4.29
N ILE A 122 -1.74 28.50 5.05
CA ILE A 122 -1.24 29.75 4.47
C ILE A 122 0.25 29.83 4.25
N HIS A 123 1.00 28.82 4.70
CA HIS A 123 2.46 28.90 4.65
C HIS A 123 3.19 29.18 3.33
N ASP A 124 2.53 28.97 2.20
CA ASP A 124 3.16 29.24 0.90
C ASP A 124 2.26 30.09 0.00
N VAL A 125 1.29 30.78 0.57
CA VAL A 125 0.36 31.57 -0.24
C VAL A 125 1.05 32.68 -1.04
N ASP A 126 0.65 32.82 -2.30
CA ASP A 126 1.19 33.82 -3.22
C ASP A 126 2.67 33.57 -3.51
N HIS A 127 3.06 32.29 -3.50
CA HIS A 127 4.42 31.90 -3.80
C HIS A 127 4.58 32.05 -5.32
N PRO A 128 5.62 32.79 -5.77
CA PRO A 128 5.86 33.02 -7.20
C PRO A 128 6.57 31.90 -7.96
N GLY A 129 6.98 30.85 -7.27
CA GLY A 129 7.64 29.75 -7.96
C GLY A 129 9.14 29.94 -8.13
N VAL A 130 9.70 30.87 -7.36
CA VAL A 130 11.14 31.13 -7.38
C VAL A 130 11.61 31.28 -5.95
N SER A 131 12.91 31.12 -5.74
CA SER A 131 13.48 31.20 -4.40
C SER A 131 13.66 32.62 -3.87
N ASN A 132 13.92 32.72 -2.57
CA ASN A 132 14.17 34.01 -1.97
C ASN A 132 15.39 34.65 -2.64
N GLN A 133 16.40 33.84 -2.95
CA GLN A 133 17.61 34.41 -3.56
C GLN A 133 17.32 35.02 -4.93
N PHE A 134 16.39 34.42 -5.66
CA PHE A 134 16.02 34.93 -6.97
C PHE A 134 15.39 36.32 -6.79
N LEU A 135 14.54 36.45 -5.77
CA LEU A 135 13.89 37.73 -5.50
C LEU A 135 14.92 38.77 -5.08
N ILE A 136 15.90 38.34 -4.28
CA ILE A 136 16.95 39.24 -3.84
C ILE A 136 17.86 39.66 -5.00
N ASN A 137 18.25 38.69 -5.82
CA ASN A 137 19.13 38.95 -6.96
C ASN A 137 18.55 39.84 -8.05
N THR A 138 17.23 39.87 -8.17
CA THR A 138 16.58 40.68 -9.19
C THR A 138 16.19 42.05 -8.63
N ASN A 139 16.53 42.31 -7.37
CA ASN A 139 16.19 43.56 -6.69
C ASN A 139 14.67 43.73 -6.62
N SER A 140 14.00 42.61 -6.36
CA SER A 140 12.54 42.56 -6.23
C SER A 140 12.03 43.53 -5.15
N GLU A 141 10.90 44.18 -5.44
CA GLU A 141 10.30 45.10 -4.48
C GLU A 141 10.02 44.36 -3.16
N LEU A 142 9.69 43.08 -3.26
CA LEU A 142 9.38 42.27 -2.08
C LEU A 142 10.62 42.11 -1.20
N ALA A 143 11.78 41.85 -1.82
CA ALA A 143 13.03 41.70 -1.07
C ALA A 143 13.43 43.02 -0.44
N LEU A 144 13.18 44.13 -1.13
CA LEU A 144 13.50 45.44 -0.59
C LEU A 144 12.62 45.74 0.62
N MET A 145 11.38 45.29 0.58
CA MET A 145 10.45 45.53 1.68
C MET A 145 10.83 44.74 2.92
N TYR A 146 11.27 43.50 2.73
CA TYR A 146 11.61 42.62 3.83
C TYR A 146 13.10 42.51 4.13
N ASN A 147 13.87 43.45 3.60
CA ASN A 147 15.29 43.50 3.85
C ASN A 147 16.03 42.18 3.61
N ASP A 148 15.66 41.51 2.54
CA ASP A 148 16.25 40.24 2.10
C ASP A 148 16.16 39.09 3.11
N GLU A 149 15.39 39.25 4.16
CA GLU A 149 15.28 38.19 5.17
C GLU A 149 13.97 37.43 5.13
N SER A 150 14.06 36.12 4.94
CA SER A 150 12.88 35.24 4.86
C SER A 150 11.81 36.00 4.09
N VAL A 151 12.21 36.51 2.93
CA VAL A 151 11.33 37.30 2.10
C VAL A 151 9.97 36.67 1.82
N LEU A 152 9.96 35.50 1.20
CA LEU A 152 8.70 34.84 0.88
C LEU A 152 7.90 34.44 2.10
N GLU A 153 8.60 33.92 3.12
CA GLU A 153 7.92 33.49 4.34
C GLU A 153 7.20 34.66 5.01
N ASN A 154 7.85 35.81 5.10
CA ASN A 154 7.22 36.99 5.69
C ASN A 154 5.99 37.38 4.84
N HIS A 155 6.14 37.28 3.53
CA HIS A 155 5.06 37.62 2.60
C HIS A 155 3.86 36.67 2.74
N HIS A 156 4.12 35.37 2.84
CA HIS A 156 3.04 34.40 2.99
C HIS A 156 2.17 34.77 4.19
N LEU A 157 2.83 35.14 5.28
CA LEU A 157 2.14 35.53 6.52
C LEU A 157 1.35 36.81 6.32
N ALA A 158 1.99 37.81 5.72
CA ALA A 158 1.31 39.08 5.51
C ALA A 158 0.06 38.89 4.67
N VAL A 159 0.14 38.06 3.63
CA VAL A 159 -0.99 37.81 2.76
C VAL A 159 -2.07 37.00 3.49
N GLY A 160 -1.64 35.96 4.20
CA GLY A 160 -2.57 35.14 4.94
C GLY A 160 -3.43 35.93 5.90
N PHE A 161 -2.83 36.85 6.64
CA PHE A 161 -3.58 37.66 7.60
C PHE A 161 -4.32 38.80 6.93
N LYS A 162 -3.72 39.38 5.90
CA LYS A 162 -4.37 40.48 5.19
C LYS A 162 -5.71 40.06 4.58
N LEU A 163 -5.78 38.85 4.05
CA LEU A 163 -7.01 38.36 3.41
C LEU A 163 -8.19 38.20 4.36
N LEU A 164 -7.94 38.24 5.66
CA LEU A 164 -9.02 38.13 6.65
C LEU A 164 -9.90 39.36 6.57
N GLN A 165 -9.33 40.44 6.04
CA GLN A 165 -10.04 41.71 5.95
C GLN A 165 -10.95 41.85 4.73
N GLU A 166 -10.87 40.92 3.78
CA GLU A 166 -11.75 41.01 2.62
C GLU A 166 -13.16 40.64 3.07
N GLU A 167 -14.15 40.97 2.25
CA GLU A 167 -15.55 40.73 2.59
C GLU A 167 -15.88 39.31 3.06
N HIS A 168 -16.47 39.22 4.25
CA HIS A 168 -16.88 37.95 4.84
C HIS A 168 -15.74 36.95 5.01
N CYS A 169 -14.53 37.45 5.22
CA CYS A 169 -13.38 36.57 5.38
C CYS A 169 -12.74 36.48 6.76
N ASP A 170 -13.29 37.15 7.75
CA ASP A 170 -12.65 37.11 9.07
C ASP A 170 -13.03 35.89 9.89
N ILE A 171 -12.30 34.80 9.68
CA ILE A 171 -12.56 33.56 10.42
C ILE A 171 -12.17 33.66 11.88
N PHE A 172 -11.49 34.73 12.28
CA PHE A 172 -11.08 34.89 13.69
C PHE A 172 -11.89 35.97 14.39
N MET A 173 -12.94 36.45 13.74
CA MET A 173 -13.78 37.50 14.30
C MET A 173 -14.27 37.21 15.71
N ASN A 174 -14.64 35.96 15.97
CA ASN A 174 -15.16 35.61 17.28
C ASN A 174 -14.18 35.11 18.33
N LEU A 175 -12.88 35.16 18.03
CA LEU A 175 -11.90 34.77 19.02
C LEU A 175 -11.73 35.99 19.92
N THR A 176 -11.27 35.80 21.15
CA THR A 176 -11.06 36.95 22.03
C THR A 176 -9.81 37.66 21.52
N LYS A 177 -9.61 38.90 21.94
CA LYS A 177 -8.43 39.63 21.52
C LYS A 177 -7.19 38.84 21.92
N LYS A 178 -7.22 38.29 23.14
CA LYS A 178 -6.10 37.50 23.64
C LYS A 178 -5.84 36.26 22.78
N GLN A 179 -6.91 35.58 22.38
CA GLN A 179 -6.76 34.39 21.53
C GLN A 179 -6.17 34.77 20.17
N ARG A 180 -6.63 35.87 19.61
CA ARG A 180 -6.11 36.32 18.32
C ARG A 180 -4.63 36.66 18.42
N GLN A 181 -4.24 37.31 19.51
CA GLN A 181 -2.85 37.68 19.72
C GLN A 181 -1.97 36.43 19.84
N THR A 182 -2.43 35.47 20.62
CA THR A 182 -1.69 34.23 20.82
C THR A 182 -1.62 33.41 19.53
N LEU A 183 -2.75 33.27 18.84
CA LEU A 183 -2.75 32.50 17.60
C LEU A 183 -1.82 33.17 16.58
N ARG A 184 -1.90 34.49 16.47
CA ARG A 184 -1.07 35.22 15.53
C ARG A 184 0.41 34.97 15.83
N LYS A 185 0.77 35.04 17.11
CA LYS A 185 2.14 34.80 17.52
C LYS A 185 2.60 33.42 17.08
N MET A 186 1.76 32.41 17.31
CA MET A 186 2.10 31.04 16.96
C MET A 186 2.18 30.81 15.45
N VAL A 187 1.25 31.40 14.71
CA VAL A 187 1.24 31.22 13.26
C VAL A 187 2.48 31.84 12.64
N ILE A 188 2.83 33.04 13.07
CA ILE A 188 4.02 33.72 12.55
C ILE A 188 5.24 32.85 12.84
N ASP A 189 5.34 32.38 14.08
CA ASP A 189 6.45 31.53 14.46
C ASP A 189 6.57 30.30 13.55
N MET A 190 5.47 29.59 13.34
CA MET A 190 5.50 28.39 12.51
C MET A 190 5.80 28.64 11.03
N VAL A 191 5.23 29.69 10.45
CA VAL A 191 5.50 29.94 9.03
C VAL A 191 6.94 30.41 8.82
N LEU A 192 7.41 31.30 9.68
CA LEU A 192 8.79 31.77 9.55
C LEU A 192 9.74 30.57 9.62
N ALA A 193 9.35 29.55 10.40
CA ALA A 193 10.15 28.34 10.57
C ALA A 193 10.20 27.42 9.35
N THR A 194 9.39 27.71 8.33
CA THR A 194 9.38 26.89 7.13
C THR A 194 10.51 27.29 6.17
N ASP A 195 11.22 28.36 6.52
CA ASP A 195 12.35 28.83 5.72
C ASP A 195 13.44 27.78 5.86
N MET A 196 13.77 27.09 4.77
CA MET A 196 14.78 26.03 4.80
C MET A 196 16.14 26.48 5.35
N SER A 197 16.38 27.78 5.38
CA SER A 197 17.64 28.30 5.88
C SER A 197 17.69 28.18 7.41
N LYS A 198 16.54 27.86 8.02
CA LYS A 198 16.45 27.72 9.46
C LYS A 198 16.38 26.24 9.88
N HIS A 199 16.42 25.35 8.89
CA HIS A 199 16.32 23.91 9.15
C HIS A 199 17.29 23.39 10.22
N MET A 200 18.58 23.49 9.94
CA MET A 200 19.59 23.00 10.86
C MET A 200 19.39 23.49 12.29
N SER A 201 19.04 24.76 12.46
CA SER A 201 18.81 25.30 13.79
C SER A 201 17.57 24.65 14.41
N LEU A 202 16.55 24.43 13.60
CA LEU A 202 15.32 23.81 14.08
C LEU A 202 15.58 22.39 14.56
N LEU A 203 16.24 21.60 13.72
CA LEU A 203 16.56 20.23 14.05
C LEU A 203 17.40 20.15 15.32
N ALA A 204 18.43 20.98 15.40
CA ALA A 204 19.30 21.00 16.57
C ALA A 204 18.47 21.25 17.83
N ASP A 205 17.62 22.27 17.79
CA ASP A 205 16.77 22.60 18.93
C ASP A 205 15.85 21.43 19.25
N LEU A 206 15.30 20.81 18.22
CA LEU A 206 14.40 19.67 18.41
C LEU A 206 15.11 18.50 19.07
N LYS A 207 16.33 18.23 18.65
CA LYS A 207 17.11 17.13 19.23
C LYS A 207 17.33 17.43 20.70
N THR A 208 17.72 18.66 21.00
CA THR A 208 17.97 19.08 22.37
C THR A 208 16.74 18.88 23.24
N MET A 209 15.56 19.00 22.64
CA MET A 209 14.32 18.82 23.36
C MET A 209 14.02 17.34 23.61
N VAL A 210 14.29 16.51 22.60
CA VAL A 210 14.06 15.08 22.72
C VAL A 210 14.89 14.50 23.87
N GLU A 211 15.96 15.19 24.22
CA GLU A 211 16.82 14.75 25.31
C GLU A 211 16.13 14.97 26.65
N THR A 212 15.54 16.16 26.82
CA THR A 212 14.84 16.51 28.04
C THR A 212 13.41 15.97 28.01
N LYS A 213 13.12 15.20 26.98
CA LYS A 213 11.81 14.57 26.76
C LYS A 213 11.16 14.04 28.04
N LYS A 214 9.85 14.30 28.19
CA LYS A 214 9.10 13.84 29.36
C LYS A 214 7.78 13.23 28.91
N VAL A 215 7.40 12.10 29.51
CA VAL A 215 6.15 11.43 29.16
C VAL A 215 5.30 11.07 30.37
N THR A 216 4.09 10.57 30.11
CA THR A 216 3.18 10.19 31.18
C THR A 216 3.28 8.69 31.44
N SER A 217 2.56 8.22 32.45
CA SER A 217 2.56 6.81 32.81
C SER A 217 2.13 5.96 31.62
N SER A 218 1.34 6.55 30.73
CA SER A 218 0.85 5.85 29.55
C SER A 218 1.80 6.01 28.36
N GLY A 219 2.67 7.02 28.43
CA GLY A 219 3.62 7.24 27.35
C GLY A 219 3.45 8.57 26.64
N VAL A 220 2.31 9.22 26.83
CA VAL A 220 2.03 10.50 26.19
C VAL A 220 3.04 11.58 26.59
N LEU A 221 3.44 12.40 25.62
CA LEU A 221 4.40 13.46 25.88
C LEU A 221 3.86 14.50 26.83
N LEU A 222 4.76 15.14 27.58
CA LEU A 222 4.40 16.17 28.53
C LEU A 222 5.03 17.50 28.14
N LEU A 223 4.18 18.43 27.69
CA LEU A 223 4.61 19.76 27.28
C LEU A 223 3.69 20.75 27.96
N ASP A 224 4.09 21.20 29.14
CA ASP A 224 3.28 22.12 29.93
C ASP A 224 3.62 23.60 29.81
N ASN A 225 4.70 23.93 29.11
CA ASN A 225 5.07 25.33 28.95
C ASN A 225 4.99 25.71 27.47
N TYR A 226 4.60 26.96 27.23
CA TYR A 226 4.44 27.46 25.86
C TYR A 226 5.64 27.27 24.94
N THR A 227 6.83 27.63 25.41
CA THR A 227 8.02 27.50 24.58
C THR A 227 8.24 26.09 24.02
N ASP A 228 7.95 25.07 24.82
CA ASP A 228 8.12 23.70 24.34
C ASP A 228 7.01 23.33 23.38
N ARG A 229 5.79 23.78 23.65
CA ARG A 229 4.67 23.47 22.79
C ARG A 229 4.85 24.09 21.41
N ILE A 230 5.22 25.36 21.35
CA ILE A 230 5.40 26.01 20.06
C ILE A 230 6.59 25.42 19.31
N GLN A 231 7.60 24.94 20.05
CA GLN A 231 8.75 24.34 19.41
C GLN A 231 8.33 23.05 18.71
N VAL A 232 7.45 22.27 19.35
CA VAL A 232 6.99 21.04 18.74
C VAL A 232 6.12 21.36 17.54
N LEU A 233 5.26 22.37 17.68
CA LEU A 233 4.38 22.77 16.60
C LEU A 233 5.15 23.28 15.39
N ARG A 234 6.15 24.11 15.59
CA ARG A 234 6.91 24.63 14.45
C ARG A 234 7.64 23.48 13.74
N ASN A 235 8.12 22.51 14.50
CA ASN A 235 8.80 21.38 13.88
C ASN A 235 7.79 20.47 13.19
N MET A 236 6.59 20.39 13.75
CA MET A 236 5.53 19.58 13.17
C MET A 236 5.17 20.07 11.78
N VAL A 237 4.96 21.37 11.66
CA VAL A 237 4.61 21.94 10.36
C VAL A 237 5.77 21.75 9.40
N HIS A 238 6.98 21.93 9.90
CA HIS A 238 8.18 21.76 9.07
C HIS A 238 8.22 20.31 8.56
N CYS A 239 7.89 19.35 9.42
CA CYS A 239 7.89 17.96 9.00
C CYS A 239 6.82 17.73 7.92
N ALA A 240 5.64 18.32 8.13
CA ALA A 240 4.56 18.16 7.16
C ALA A 240 5.03 18.73 5.83
N ASP A 241 5.71 19.87 5.90
CA ASP A 241 6.23 20.53 4.70
C ASP A 241 7.24 19.63 3.99
N LEU A 242 7.96 18.82 4.77
CA LEU A 242 8.96 17.91 4.21
C LEU A 242 8.50 16.46 4.30
N SER A 243 7.21 16.22 4.04
CA SER A 243 6.67 14.87 4.13
C SER A 243 6.53 14.11 2.81
N ASN A 244 6.76 14.77 1.68
CA ASN A 244 6.63 14.12 0.38
C ASN A 244 7.34 12.76 0.29
N PRO A 245 8.60 12.69 0.74
CA PRO A 245 9.32 11.41 0.65
C PRO A 245 8.80 10.32 1.59
N THR A 246 7.89 10.68 2.49
CA THR A 246 7.33 9.70 3.44
C THR A 246 5.99 9.16 2.98
N LYS A 247 5.52 9.60 1.82
CA LYS A 247 4.24 9.14 1.28
C LYS A 247 4.47 7.98 0.31
N SER A 248 3.40 7.28 -0.07
CA SER A 248 3.53 6.16 -1.00
C SER A 248 4.27 6.69 -2.23
N LEU A 249 5.06 5.83 -2.84
CA LEU A 249 5.85 6.23 -4.01
C LEU A 249 5.03 6.90 -5.12
N GLU A 250 3.83 6.40 -5.37
CA GLU A 250 2.98 7.00 -6.41
C GLU A 250 2.84 8.50 -6.19
N LEU A 251 2.67 8.89 -4.94
CA LEU A 251 2.51 10.30 -4.59
C LEU A 251 3.85 11.02 -4.58
N TYR A 252 4.83 10.44 -3.90
CA TYR A 252 6.16 11.02 -3.82
C TYR A 252 6.73 11.35 -5.20
N ARG A 253 6.56 10.44 -6.16
CA ARG A 253 7.07 10.69 -7.51
C ARG A 253 6.42 11.90 -8.15
N GLN A 254 5.12 12.08 -7.91
CA GLN A 254 4.41 13.23 -8.47
C GLN A 254 4.93 14.51 -7.84
N TRP A 255 5.14 14.49 -6.52
CA TRP A 255 5.65 15.67 -5.83
C TRP A 255 7.04 16.03 -6.36
N THR A 256 7.89 15.02 -6.56
CA THR A 256 9.23 15.26 -7.06
C THR A 256 9.20 15.82 -8.48
N ASP A 257 8.35 15.25 -9.35
CA ASP A 257 8.25 15.75 -10.71
C ASP A 257 7.88 17.24 -10.65
N ARG A 258 6.97 17.58 -9.74
CA ARG A 258 6.53 18.96 -9.60
C ARG A 258 7.60 19.92 -9.10
N ILE A 259 8.31 19.57 -8.04
CA ILE A 259 9.34 20.48 -7.54
C ILE A 259 10.44 20.68 -8.58
N MET A 260 10.78 19.63 -9.32
CA MET A 260 11.82 19.75 -10.34
C MET A 260 11.32 20.66 -11.46
N GLU A 261 10.05 20.50 -11.83
CA GLU A 261 9.46 21.34 -12.87
C GLU A 261 9.55 22.80 -12.42
N GLU A 262 9.28 23.05 -11.14
CA GLU A 262 9.34 24.40 -10.61
C GLU A 262 10.77 24.95 -10.62
N PHE A 263 11.73 24.10 -10.28
CA PHE A 263 13.13 24.53 -10.29
C PHE A 263 13.53 24.86 -11.72
N PHE A 264 13.15 24.00 -12.65
CA PHE A 264 13.49 24.19 -14.06
C PHE A 264 12.86 25.48 -14.59
N GLN A 265 11.67 25.80 -14.11
CA GLN A 265 11.03 27.03 -14.57
C GLN A 265 11.79 28.24 -14.03
N GLN A 266 12.32 28.16 -12.81
CA GLN A 266 13.10 29.27 -12.29
C GLN A 266 14.36 29.37 -13.14
N GLY A 267 14.90 28.20 -13.52
CA GLY A 267 16.10 28.17 -14.35
C GLY A 267 15.84 28.85 -15.68
N ASP A 268 14.64 28.65 -16.22
CA ASP A 268 14.29 29.28 -17.48
C ASP A 268 14.24 30.79 -17.29
N LYS A 269 13.67 31.25 -16.17
CA LYS A 269 13.57 32.69 -15.89
C LYS A 269 14.96 33.31 -15.75
N GLU A 270 15.86 32.58 -15.12
CA GLU A 270 17.22 33.07 -14.94
C GLU A 270 17.90 33.21 -16.30
N ARG A 271 17.75 32.19 -17.13
CA ARG A 271 18.33 32.21 -18.47
C ARG A 271 17.73 33.38 -19.27
N GLU A 272 16.41 33.55 -19.16
CA GLU A 272 15.72 34.65 -19.85
C GLU A 272 16.23 36.03 -19.43
N ARG A 273 16.60 36.17 -18.16
CA ARG A 273 17.06 37.45 -17.64
C ARG A 273 18.57 37.64 -17.57
N GLY A 274 19.31 36.76 -18.25
CA GLY A 274 20.76 36.86 -18.28
C GLY A 274 21.45 36.60 -16.94
N MET A 275 20.83 35.76 -16.12
CA MET A 275 21.37 35.43 -14.80
C MET A 275 22.02 34.04 -14.84
N GLU A 276 22.96 33.81 -13.92
CA GLU A 276 23.60 32.50 -13.85
C GLU A 276 22.50 31.54 -13.36
N ILE A 277 22.45 30.35 -13.92
CA ILE A 277 21.43 29.38 -13.52
C ILE A 277 21.71 28.82 -12.13
N SER A 278 20.68 28.86 -11.28
CA SER A 278 20.80 28.37 -9.91
C SER A 278 20.97 26.85 -9.85
N PRO A 279 21.49 26.34 -8.72
CA PRO A 279 21.67 24.90 -8.60
C PRO A 279 20.31 24.19 -8.64
N MET A 280 20.29 23.03 -9.30
CA MET A 280 19.08 22.22 -9.44
C MET A 280 18.09 22.77 -10.47
N CYS A 281 18.35 23.98 -10.96
CA CYS A 281 17.43 24.60 -11.91
C CYS A 281 17.73 24.40 -13.39
N ASP A 282 18.73 23.59 -13.71
CA ASP A 282 19.07 23.33 -15.12
C ASP A 282 18.73 21.86 -15.41
N LYS A 283 17.68 21.64 -16.19
CA LYS A 283 17.24 20.29 -16.51
C LYS A 283 18.31 19.46 -17.20
N HIS A 284 19.26 20.13 -17.85
CA HIS A 284 20.33 19.42 -18.57
C HIS A 284 21.61 19.28 -17.76
N THR A 285 21.45 19.07 -16.45
CA THR A 285 22.57 18.87 -15.53
C THR A 285 22.03 18.36 -14.20
N ALA A 286 20.76 18.62 -13.94
CA ALA A 286 20.12 18.19 -12.70
C ALA A 286 20.01 16.67 -12.63
N SER A 287 20.46 16.12 -11.51
CA SER A 287 20.40 14.68 -11.27
C SER A 287 19.28 14.48 -10.27
N VAL A 288 18.06 14.28 -10.77
CA VAL A 288 16.88 14.13 -9.92
C VAL A 288 17.03 13.02 -8.88
N GLU A 289 17.41 11.83 -9.33
CA GLU A 289 17.56 10.70 -8.43
C GLU A 289 18.63 10.98 -7.37
N LYS A 290 19.82 11.36 -7.80
CA LYS A 290 20.90 11.64 -6.86
C LYS A 290 20.48 12.70 -5.85
N SER A 291 19.78 13.72 -6.34
CA SER A 291 19.33 14.82 -5.48
C SER A 291 18.36 14.38 -4.40
N GLN A 292 17.41 13.51 -4.76
CA GLN A 292 16.44 13.04 -3.78
C GLN A 292 17.12 12.19 -2.72
N VAL A 293 17.99 11.28 -3.14
CA VAL A 293 18.70 10.43 -2.20
C VAL A 293 19.48 11.30 -1.22
N GLY A 294 20.26 12.24 -1.75
CA GLY A 294 21.04 13.12 -0.90
C GLY A 294 20.19 13.97 0.02
N PHE A 295 19.07 14.47 -0.50
CA PHE A 295 18.20 15.31 0.30
C PHE A 295 17.59 14.51 1.46
N ILE A 296 17.22 13.27 1.19
CA ILE A 296 16.65 12.42 2.23
C ILE A 296 17.73 12.12 3.27
N ASP A 297 18.90 11.68 2.81
CA ASP A 297 19.99 11.35 3.72
C ASP A 297 20.46 12.49 4.62
N TYR A 298 20.53 13.71 4.07
CA TYR A 298 21.02 14.83 4.86
C TYR A 298 19.99 15.79 5.45
N ILE A 299 18.76 15.76 4.95
CA ILE A 299 17.75 16.68 5.47
C ILE A 299 16.48 15.99 5.96
N VAL A 300 15.80 15.28 5.07
CA VAL A 300 14.53 14.63 5.42
C VAL A 300 14.62 13.51 6.46
N HIS A 301 15.50 12.54 6.22
CA HIS A 301 15.64 11.44 7.18
C HIS A 301 16.08 11.94 8.54
N PRO A 302 17.13 12.79 8.61
CA PRO A 302 17.55 13.29 9.93
C PRO A 302 16.39 13.91 10.70
N LEU A 303 15.57 14.68 9.98
CA LEU A 303 14.43 15.35 10.60
C LEU A 303 13.37 14.37 11.10
N TRP A 304 12.94 13.48 10.22
CA TRP A 304 11.91 12.50 10.58
C TRP A 304 12.40 11.50 11.61
N GLU A 305 13.70 11.21 11.58
CA GLU A 305 14.30 10.30 12.54
C GLU A 305 14.11 10.91 13.93
N THR A 306 14.38 12.20 14.02
CA THR A 306 14.25 12.95 15.27
C THR A 306 12.80 13.06 15.70
N TRP A 307 11.91 13.31 14.75
CA TRP A 307 10.49 13.42 15.06
C TRP A 307 9.99 12.07 15.57
N ALA A 308 10.40 11.01 14.88
CA ALA A 308 9.98 9.66 15.25
C ALA A 308 10.45 9.33 16.67
N ASP A 309 11.63 9.84 17.03
CA ASP A 309 12.18 9.60 18.36
C ASP A 309 11.26 10.27 19.38
N LEU A 310 10.83 11.49 19.07
CA LEU A 310 9.95 12.25 19.94
C LEU A 310 8.59 11.59 20.17
N VAL A 311 8.01 11.02 19.12
CA VAL A 311 6.70 10.39 19.21
C VAL A 311 6.70 8.88 19.10
N GLN A 312 7.86 8.25 19.25
CA GLN A 312 7.97 6.81 19.15
C GLN A 312 6.86 6.07 19.92
N PRO A 313 6.34 4.98 19.35
CA PRO A 313 6.73 4.42 18.05
C PRO A 313 5.80 4.90 16.93
N ASP A 314 5.06 5.96 17.21
CA ASP A 314 4.10 6.54 16.26
C ASP A 314 4.51 6.67 14.79
N ALA A 315 5.71 7.20 14.55
CA ALA A 315 6.17 7.41 13.18
C ALA A 315 7.06 6.34 12.58
N GLN A 316 6.94 5.10 13.03
CA GLN A 316 7.77 4.03 12.50
C GLN A 316 7.46 3.69 11.05
N ASP A 317 6.18 3.60 10.71
CA ASP A 317 5.79 3.28 9.34
C ASP A 317 6.26 4.36 8.38
N ILE A 318 6.27 5.60 8.85
CA ILE A 318 6.72 6.72 8.03
C ILE A 318 8.20 6.56 7.69
N LEU A 319 8.99 6.14 8.68
CA LEU A 319 10.42 5.93 8.47
C LEU A 319 10.68 4.78 7.50
N ASP A 320 9.88 3.73 7.60
CA ASP A 320 10.05 2.57 6.72
C ASP A 320 9.76 2.96 5.27
N THR A 321 8.69 3.72 5.07
CA THR A 321 8.34 4.16 3.72
C THR A 321 9.42 5.08 3.18
N LEU A 322 9.90 5.99 4.03
CA LEU A 322 10.96 6.92 3.63
C LEU A 322 12.18 6.13 3.17
N GLU A 323 12.52 5.09 3.92
CA GLU A 323 13.67 4.26 3.59
C GLU A 323 13.46 3.55 2.25
N ASP A 324 12.28 2.94 2.08
CA ASP A 324 11.99 2.25 0.82
C ASP A 324 12.04 3.21 -0.36
N ASN A 325 11.49 4.41 -0.18
CA ASN A 325 11.49 5.40 -1.25
C ASN A 325 12.90 5.86 -1.57
N ARG A 326 13.70 6.07 -0.54
CA ARG A 326 15.09 6.49 -0.74
C ARG A 326 15.84 5.44 -1.56
N ASN A 327 15.70 4.17 -1.17
CA ASN A 327 16.39 3.11 -1.89
C ASN A 327 15.90 2.94 -3.31
N TRP A 328 14.63 3.25 -3.55
CA TRP A 328 14.10 3.12 -4.89
C TRP A 328 14.77 4.17 -5.78
N TYR A 329 14.86 5.40 -5.27
CA TYR A 329 15.49 6.47 -6.03
C TYR A 329 16.96 6.18 -6.26
N GLN A 330 17.62 5.59 -5.26
CA GLN A 330 19.04 5.27 -5.40
C GLN A 330 19.22 4.23 -6.49
N SER A 331 18.24 3.33 -6.63
CA SER A 331 18.29 2.29 -7.64
C SER A 331 17.99 2.85 -9.03
N MET A 332 17.23 3.93 -9.06
CA MET A 332 16.85 4.56 -10.32
C MET A 332 17.93 5.47 -10.90
N ILE A 333 19.00 5.71 -10.16
CA ILE A 333 20.08 6.55 -10.65
C ILE A 333 20.62 5.91 -11.92
N PRO A 334 20.45 6.57 -13.06
CA PRO A 334 20.97 5.98 -14.28
C PRO A 334 22.31 5.28 -13.97
N GLN A 335 22.42 4.01 -14.31
CA GLN A 335 23.63 3.23 -14.08
C GLN A 335 24.77 4.12 -14.56
N ALA A 336 25.31 4.99 -13.69
CA ALA A 336 26.40 5.96 -14.03
C ALA A 336 27.81 5.35 -13.82
N PRO A 337 28.89 6.14 -13.99
CA PRO A 337 30.30 5.74 -13.85
C PRO A 337 30.64 5.26 -12.44
N ALA A 338 31.62 5.91 -11.82
CA ALA A 338 32.00 5.55 -10.45
C ALA A 338 31.07 6.32 -9.52
N ASN A 345 25.02 25.48 0.18
CA ASN A 345 24.32 26.72 0.47
C ASN A 345 23.31 26.50 1.59
N ARG A 346 22.45 27.48 1.84
CA ARG A 346 21.45 27.35 2.88
C ARG A 346 20.07 27.76 2.40
N ASP A 347 19.58 27.00 1.43
CA ASP A 347 18.26 27.17 0.84
C ASP A 347 18.05 25.86 0.09
N CYS A 348 16.83 25.35 0.11
CA CYS A 348 16.53 24.08 -0.52
C CYS A 348 17.33 23.72 -1.77
N GLN A 349 17.36 24.62 -2.76
CA GLN A 349 18.10 24.36 -3.99
C GLN A 349 19.58 24.11 -3.73
N GLY A 350 20.17 24.95 -2.88
CA GLY A 350 21.59 24.80 -2.57
C GLY A 350 21.85 23.50 -1.85
N LEU A 351 20.95 23.15 -0.93
CA LEU A 351 21.09 21.91 -0.16
C LEU A 351 21.06 20.68 -1.08
N MET A 352 20.06 20.62 -1.96
CA MET A 352 19.92 19.50 -2.87
C MET A 352 21.14 19.28 -3.77
N GLU A 353 21.79 20.36 -4.16
CA GLU A 353 22.97 20.25 -5.03
C GLU A 353 24.17 19.79 -4.19
N LYS A 354 24.32 20.41 -3.03
CA LYS A 354 25.43 20.11 -2.13
C LYS A 354 25.44 18.65 -1.67
N PHE A 355 24.34 18.21 -1.07
CA PHE A 355 24.23 16.86 -0.54
C PHE A 355 23.92 15.80 -1.61
N GLN A 356 24.00 16.19 -2.87
CA GLN A 356 23.71 15.27 -3.97
C GLN A 356 24.48 13.95 -3.86
N PHE A 357 23.73 12.85 -3.76
CA PHE A 357 24.32 11.52 -3.66
C PHE A 357 24.92 11.08 -4.99
N SER B 1 -8.48 -34.77 18.97
CA SER B 1 -7.60 -34.49 17.80
C SER B 1 -6.82 -33.19 17.95
N ILE B 2 -7.55 -32.11 18.26
CA ILE B 2 -6.95 -30.78 18.42
C ILE B 2 -5.58 -30.78 19.09
N SER B 3 -5.34 -31.76 19.96
CA SER B 3 -4.06 -31.85 20.66
C SER B 3 -2.91 -32.17 19.70
N ARG B 4 -3.26 -32.79 18.57
CA ARG B 4 -2.26 -33.15 17.55
C ARG B 4 -1.47 -31.91 17.11
N PHE B 5 -2.10 -30.75 17.22
CA PHE B 5 -1.48 -29.48 16.81
C PHE B 5 -0.55 -28.87 17.84
N GLY B 6 -0.70 -29.27 19.10
CA GLY B 6 0.15 -28.73 20.15
C GLY B 6 0.17 -27.23 20.30
N VAL B 7 -0.94 -26.56 19.96
CA VAL B 7 -1.02 -25.11 20.10
C VAL B 7 -0.88 -24.81 21.59
N ASN B 8 -0.09 -23.79 21.93
CA ASN B 8 0.17 -23.47 23.32
C ASN B 8 -0.64 -22.40 24.04
N THR B 9 -1.74 -22.84 24.66
CA THR B 9 -2.64 -22.00 25.45
C THR B 9 -2.81 -20.52 25.07
N GLU B 10 -1.74 -19.75 25.25
CA GLU B 10 -1.76 -18.32 24.95
C GLU B 10 -1.86 -17.93 23.48
N ASN B 11 -1.84 -18.93 22.61
CA ASN B 11 -1.97 -18.69 21.17
C ASN B 11 -3.29 -19.30 20.73
N GLU B 12 -4.07 -19.75 21.71
CA GLU B 12 -5.36 -20.36 21.46
C GLU B 12 -6.40 -19.31 21.10
N ASP B 13 -6.44 -18.23 21.87
CA ASP B 13 -7.40 -17.16 21.61
C ASP B 13 -7.00 -16.45 20.32
N HIS B 14 -5.70 -16.29 20.11
CA HIS B 14 -5.18 -15.64 18.92
C HIS B 14 -5.58 -16.43 17.68
N LEU B 15 -5.29 -17.73 17.68
CA LEU B 15 -5.62 -18.59 16.56
C LEU B 15 -7.12 -18.58 16.32
N ALA B 16 -7.88 -18.74 17.40
CA ALA B 16 -9.34 -18.73 17.31
C ALA B 16 -9.79 -17.40 16.73
N LYS B 17 -9.08 -16.34 17.08
CA LYS B 17 -9.40 -15.00 16.60
C LYS B 17 -9.18 -14.96 15.08
N GLU B 18 -8.01 -15.43 14.63
CA GLU B 18 -7.69 -15.45 13.21
C GLU B 18 -8.71 -16.28 12.44
N LEU B 19 -9.04 -17.45 12.96
CA LEU B 19 -9.99 -18.34 12.30
C LEU B 19 -11.39 -17.77 12.16
N GLU B 20 -11.63 -16.60 12.73
CA GLU B 20 -12.94 -15.97 12.61
C GLU B 20 -13.12 -15.51 11.18
N ASP B 21 -12.02 -15.36 10.46
CA ASP B 21 -12.05 -14.94 9.06
C ASP B 21 -11.92 -16.14 8.12
N LEU B 22 -12.08 -17.34 8.67
CA LEU B 22 -11.96 -18.57 7.88
C LEU B 22 -12.70 -18.53 6.55
N ASN B 23 -13.91 -17.97 6.55
CA ASN B 23 -14.70 -17.91 5.33
C ASN B 23 -14.54 -16.57 4.61
N LYS B 24 -13.50 -15.82 4.96
CA LYS B 24 -13.28 -14.51 4.35
C LYS B 24 -11.99 -14.42 3.55
N TRP B 25 -12.03 -13.63 2.48
CA TRP B 25 -10.86 -13.42 1.62
C TRP B 25 -9.75 -12.77 2.42
N GLY B 26 -10.13 -11.99 3.44
CA GLY B 26 -9.16 -11.29 4.26
C GLY B 26 -8.43 -12.09 5.33
N LEU B 27 -8.67 -13.39 5.40
CA LEU B 27 -7.98 -14.20 6.40
C LEU B 27 -6.48 -14.05 6.20
N ASN B 28 -5.73 -14.07 7.30
CA ASN B 28 -4.28 -13.93 7.25
C ASN B 28 -3.65 -15.27 7.58
N ILE B 29 -3.28 -16.02 6.54
CA ILE B 29 -2.69 -17.34 6.71
C ILE B 29 -1.33 -17.29 7.39
N PHE B 30 -0.64 -16.16 7.27
CA PHE B 30 0.67 -16.00 7.90
C PHE B 30 0.51 -16.09 9.41
N ASN B 31 -0.53 -15.45 9.93
CA ASN B 31 -0.78 -15.47 11.38
C ASN B 31 -1.19 -16.88 11.81
N VAL B 32 -1.96 -17.56 10.99
CA VAL B 32 -2.40 -18.92 11.30
C VAL B 32 -1.18 -19.84 11.42
N ALA B 33 -0.22 -19.68 10.51
CA ALA B 33 0.98 -20.49 10.54
C ALA B 33 1.75 -20.21 11.83
N GLY B 34 1.85 -18.92 12.17
CA GLY B 34 2.57 -18.52 13.37
C GLY B 34 2.01 -19.05 14.67
N TYR B 35 0.70 -19.28 14.73
CA TYR B 35 0.08 -19.78 15.95
C TYR B 35 -0.11 -21.29 15.96
N SER B 36 0.21 -21.95 14.86
CA SER B 36 0.05 -23.39 14.76
C SER B 36 1.35 -24.14 14.50
N HIS B 37 2.46 -23.60 15.00
CA HIS B 37 3.77 -24.22 14.82
C HIS B 37 4.03 -24.54 13.36
N ASN B 38 3.77 -23.55 12.52
CA ASN B 38 3.96 -23.64 11.08
C ASN B 38 3.29 -24.84 10.40
N ARG B 39 2.05 -25.11 10.80
CA ARG B 39 1.28 -26.18 10.17
C ARG B 39 -0.02 -25.55 9.68
N PRO B 40 0.08 -24.48 8.87
CA PRO B 40 -1.10 -23.79 8.34
C PRO B 40 -1.96 -24.64 7.42
N LEU B 41 -1.35 -25.56 6.67
CA LEU B 41 -2.12 -26.38 5.75
C LEU B 41 -3.05 -27.34 6.50
N THR B 42 -2.48 -28.05 7.48
CA THR B 42 -3.29 -29.01 8.25
C THR B 42 -4.33 -28.28 9.09
N CYS B 43 -3.92 -27.20 9.74
CA CYS B 43 -4.82 -26.43 10.58
C CYS B 43 -5.97 -25.82 9.79
N ILE B 44 -5.66 -25.15 8.70
CA ILE B 44 -6.71 -24.52 7.91
C ILE B 44 -7.60 -25.58 7.25
N MET B 45 -7.01 -26.69 6.83
CA MET B 45 -7.80 -27.75 6.19
C MET B 45 -8.72 -28.39 7.23
N TYR B 46 -8.22 -28.53 8.45
CA TYR B 46 -9.02 -29.11 9.51
C TYR B 46 -10.18 -28.17 9.79
N ALA B 47 -9.87 -26.88 9.94
CA ALA B 47 -10.88 -25.86 10.20
C ALA B 47 -11.90 -25.86 9.06
N ILE B 48 -11.42 -25.98 7.83
CA ILE B 48 -12.30 -25.99 6.66
C ILE B 48 -13.24 -27.18 6.65
N PHE B 49 -12.71 -28.38 6.89
CA PHE B 49 -13.53 -29.57 6.88
C PHE B 49 -14.56 -29.60 7.99
N GLN B 50 -14.22 -29.04 9.15
CA GLN B 50 -15.17 -28.98 10.27
C GLN B 50 -16.29 -28.07 9.84
N GLU B 51 -15.90 -26.88 9.40
CA GLU B 51 -16.80 -25.83 8.94
C GLU B 51 -17.81 -26.36 7.92
N ARG B 52 -17.32 -27.19 7.00
CA ARG B 52 -18.16 -27.78 5.97
C ARG B 52 -18.71 -29.15 6.35
N ASP B 53 -18.38 -29.60 7.56
CA ASP B 53 -18.83 -30.90 8.06
C ASP B 53 -18.50 -32.05 7.10
N LEU B 54 -17.37 -31.93 6.40
CA LEU B 54 -16.94 -32.93 5.44
C LEU B 54 -16.48 -34.24 6.08
N LEU B 55 -16.00 -34.16 7.31
CA LEU B 55 -15.53 -35.36 8.02
C LEU B 55 -16.71 -36.30 8.29
N LYS B 56 -17.82 -35.74 8.75
CA LYS B 56 -19.01 -36.54 9.03
C LYS B 56 -19.59 -37.08 7.73
N THR B 57 -19.75 -36.19 6.75
CA THR B 57 -20.32 -36.55 5.46
C THR B 57 -19.62 -37.72 4.77
N PHE B 58 -18.29 -37.74 4.80
CA PHE B 58 -17.54 -38.80 4.16
C PHE B 58 -16.93 -39.79 5.13
N ARG B 59 -17.45 -39.81 6.34
CA ARG B 59 -17.00 -40.73 7.38
C ARG B 59 -15.48 -40.75 7.51
N ILE B 60 -14.90 -39.56 7.64
CA ILE B 60 -13.46 -39.42 7.80
C ILE B 60 -13.23 -39.07 9.26
N SER B 61 -12.54 -39.93 9.98
CA SER B 61 -12.27 -39.66 11.39
C SER B 61 -11.27 -38.51 11.46
N SER B 62 -11.33 -37.73 12.54
CA SER B 62 -10.41 -36.62 12.71
C SER B 62 -8.98 -37.13 12.73
N ASP B 63 -8.79 -38.32 13.30
CA ASP B 63 -7.47 -38.93 13.39
C ASP B 63 -6.87 -39.23 12.02
N THR B 64 -7.67 -39.84 11.15
CA THR B 64 -7.21 -40.17 9.81
C THR B 64 -6.94 -38.89 9.02
N PHE B 65 -7.82 -37.92 9.16
CA PHE B 65 -7.67 -36.65 8.44
C PHE B 65 -6.41 -35.90 8.86
N ILE B 66 -6.20 -35.74 10.16
CA ILE B 66 -5.04 -35.02 10.64
C ILE B 66 -3.75 -35.80 10.33
N THR B 67 -3.83 -37.13 10.38
CA THR B 67 -2.66 -37.93 10.07
C THR B 67 -2.27 -37.74 8.61
N TYR B 68 -3.24 -37.82 7.70
CA TYR B 68 -2.93 -37.63 6.29
C TYR B 68 -2.43 -36.21 6.03
N MET B 69 -3.17 -35.22 6.53
CA MET B 69 -2.78 -33.83 6.32
C MET B 69 -1.40 -33.48 6.85
N MET B 70 -1.07 -33.96 8.06
CA MET B 70 0.24 -33.69 8.65
C MET B 70 1.33 -34.35 7.80
N THR B 71 1.00 -35.51 7.25
CA THR B 71 1.94 -36.24 6.40
C THR B 71 2.12 -35.47 5.11
N LEU B 72 1.01 -35.05 4.51
CA LEU B 72 1.05 -34.28 3.27
C LEU B 72 1.80 -32.98 3.48
N GLU B 73 1.44 -32.25 4.52
CA GLU B 73 2.10 -30.97 4.79
C GLU B 73 3.60 -31.16 4.98
N ASP B 74 3.99 -32.28 5.59
CA ASP B 74 5.41 -32.51 5.81
C ASP B 74 6.14 -32.83 4.50
N HIS B 75 5.40 -33.03 3.42
CA HIS B 75 6.03 -33.31 2.13
C HIS B 75 6.20 -32.03 1.32
N TYR B 76 5.79 -30.90 1.89
CA TYR B 76 6.04 -29.62 1.25
C TYR B 76 7.40 -29.25 1.83
N HIS B 77 8.23 -28.54 1.06
CA HIS B 77 9.56 -28.18 1.53
C HIS B 77 9.55 -26.83 2.24
N SER B 78 9.73 -26.84 3.55
CA SER B 78 9.73 -25.62 4.33
C SER B 78 10.87 -24.67 3.96
N ASP B 79 11.90 -25.20 3.31
CA ASP B 79 13.04 -24.37 2.93
C ASP B 79 12.91 -23.77 1.52
N VAL B 80 11.81 -24.06 0.85
CA VAL B 80 11.53 -23.50 -0.47
C VAL B 80 10.75 -22.23 -0.10
N ALA B 81 11.21 -21.08 -0.60
CA ALA B 81 10.62 -19.79 -0.26
C ALA B 81 9.13 -19.55 -0.51
N TYR B 82 8.63 -19.98 -1.66
CA TYR B 82 7.22 -19.77 -1.99
C TYR B 82 6.36 -21.03 -2.03
N HIS B 83 6.74 -22.00 -2.85
CA HIS B 83 5.96 -23.23 -2.97
C HIS B 83 6.09 -24.20 -1.80
N ASN B 84 5.73 -23.70 -0.62
CA ASN B 84 5.77 -24.48 0.62
C ASN B 84 4.32 -24.66 1.12
N SER B 85 4.14 -25.23 2.31
CA SER B 85 2.77 -25.46 2.79
C SER B 85 1.94 -24.21 3.06
N LEU B 86 2.61 -23.07 3.28
CA LEU B 86 1.88 -21.83 3.52
C LEU B 86 1.12 -21.46 2.24
N HIS B 87 1.77 -21.69 1.10
CA HIS B 87 1.16 -21.39 -0.18
C HIS B 87 -0.01 -22.37 -0.40
N ALA B 88 0.22 -23.65 -0.11
CA ALA B 88 -0.84 -24.64 -0.27
C ALA B 88 -2.02 -24.30 0.63
N ALA B 89 -1.71 -23.90 1.86
CA ALA B 89 -2.74 -23.55 2.82
C ALA B 89 -3.57 -22.40 2.27
N ASP B 90 -2.86 -21.41 1.73
CA ASP B 90 -3.49 -20.23 1.15
C ASP B 90 -4.41 -20.60 -0.01
N VAL B 91 -3.94 -21.45 -0.92
CA VAL B 91 -4.75 -21.85 -2.06
C VAL B 91 -5.98 -22.64 -1.62
N ALA B 92 -5.82 -23.48 -0.59
CA ALA B 92 -6.93 -24.27 -0.08
C ALA B 92 -7.98 -23.35 0.56
N GLN B 93 -7.54 -22.43 1.39
CA GLN B 93 -8.45 -21.49 2.06
C GLN B 93 -9.11 -20.58 1.04
N SER B 94 -8.38 -20.21 0.00
CA SER B 94 -8.91 -19.36 -1.04
C SER B 94 -9.96 -20.12 -1.82
N THR B 95 -9.72 -21.41 -2.04
CA THR B 95 -10.66 -22.26 -2.77
C THR B 95 -11.91 -22.45 -1.90
N HIS B 96 -11.71 -22.55 -0.59
CA HIS B 96 -12.83 -22.71 0.34
C HIS B 96 -13.75 -21.50 0.26
N VAL B 97 -13.15 -20.31 0.21
CA VAL B 97 -13.93 -19.08 0.12
C VAL B 97 -14.62 -18.98 -1.23
N LEU B 98 -13.90 -19.28 -2.30
CA LEU B 98 -14.48 -19.21 -3.64
C LEU B 98 -15.65 -20.19 -3.85
N LEU B 99 -15.58 -21.34 -3.19
CA LEU B 99 -16.63 -22.35 -3.29
C LEU B 99 -17.93 -21.86 -2.65
N SER B 100 -17.80 -20.94 -1.69
CA SER B 100 -18.99 -20.42 -1.01
C SER B 100 -19.40 -19.06 -1.55
N THR B 101 -18.96 -18.74 -2.76
CA THR B 101 -19.33 -17.48 -3.37
C THR B 101 -20.83 -17.58 -3.67
N PRO B 102 -21.60 -16.52 -3.36
CA PRO B 102 -23.05 -16.50 -3.59
C PRO B 102 -23.52 -17.06 -4.93
N ALA B 103 -22.87 -16.65 -6.01
CA ALA B 103 -23.25 -17.10 -7.34
C ALA B 103 -23.18 -18.61 -7.57
N LEU B 104 -22.46 -19.33 -6.71
CA LEU B 104 -22.34 -20.78 -6.86
C LEU B 104 -23.02 -21.57 -5.74
N ASP B 105 -23.88 -20.92 -4.97
CA ASP B 105 -24.58 -21.57 -3.88
C ASP B 105 -25.35 -22.80 -4.35
N ALA B 106 -25.21 -23.89 -3.59
CA ALA B 106 -25.89 -25.17 -3.89
C ALA B 106 -25.59 -25.78 -5.25
N VAL B 107 -24.54 -25.32 -5.93
CA VAL B 107 -24.21 -25.86 -7.25
C VAL B 107 -23.40 -27.16 -7.23
N PHE B 108 -22.44 -27.25 -6.31
CA PHE B 108 -21.58 -28.44 -6.23
C PHE B 108 -21.97 -29.44 -5.16
N THR B 109 -21.72 -30.72 -5.46
CA THR B 109 -22.01 -31.80 -4.51
C THR B 109 -20.92 -31.79 -3.46
N ASP B 110 -21.13 -32.51 -2.37
CA ASP B 110 -20.12 -32.55 -1.32
C ASP B 110 -18.86 -33.24 -1.85
N LEU B 111 -19.01 -34.09 -2.85
CA LEU B 111 -17.87 -34.80 -3.44
C LEU B 111 -17.04 -33.86 -4.29
N GLU B 112 -17.70 -32.99 -5.04
CA GLU B 112 -17.00 -32.02 -5.88
C GLU B 112 -16.32 -30.98 -5.01
N ILE B 113 -16.92 -30.66 -3.87
CA ILE B 113 -16.37 -29.70 -2.93
C ILE B 113 -15.14 -30.33 -2.27
N LEU B 114 -15.26 -31.60 -1.92
CA LEU B 114 -14.17 -32.33 -1.29
C LEU B 114 -12.97 -32.40 -2.26
N ALA B 115 -13.27 -32.72 -3.51
CA ALA B 115 -12.24 -32.84 -4.55
C ALA B 115 -11.50 -31.54 -4.79
N ALA B 116 -12.24 -30.43 -4.86
CA ALA B 116 -11.65 -29.12 -5.10
C ALA B 116 -10.71 -28.68 -3.98
N ILE B 117 -11.13 -28.85 -2.74
CA ILE B 117 -10.32 -28.44 -1.61
C ILE B 117 -9.10 -29.35 -1.47
N PHE B 118 -9.31 -30.65 -1.69
CA PHE B 118 -8.21 -31.62 -1.61
C PHE B 118 -7.19 -31.27 -2.70
N ALA B 119 -7.67 -31.06 -3.92
CA ALA B 119 -6.79 -30.70 -5.03
C ALA B 119 -5.94 -29.49 -4.67
N ALA B 120 -6.57 -28.45 -4.12
CA ALA B 120 -5.83 -27.26 -3.73
C ALA B 120 -4.78 -27.58 -2.68
N ALA B 121 -5.13 -28.45 -1.73
CA ALA B 121 -4.20 -28.80 -0.66
C ALA B 121 -2.95 -29.52 -1.16
N ILE B 122 -3.11 -30.41 -2.14
CA ILE B 122 -2.00 -31.20 -2.67
C ILE B 122 -1.35 -30.68 -3.94
N HIS B 123 -1.91 -29.63 -4.52
CA HIS B 123 -1.42 -29.17 -5.81
C HIS B 123 0.06 -28.83 -6.00
N ASP B 124 0.79 -28.52 -4.93
CA ASP B 124 2.22 -28.21 -5.05
C ASP B 124 3.07 -29.08 -4.13
N VAL B 125 2.53 -30.20 -3.65
CA VAL B 125 3.29 -31.03 -2.72
C VAL B 125 4.60 -31.57 -3.29
N ASP B 126 5.64 -31.52 -2.47
CA ASP B 126 6.98 -31.98 -2.83
C ASP B 126 7.62 -31.13 -3.93
N HIS B 127 7.24 -29.86 -3.98
CA HIS B 127 7.80 -28.92 -4.96
C HIS B 127 9.23 -28.63 -4.53
N PRO B 128 10.21 -28.80 -5.44
CA PRO B 128 11.63 -28.57 -5.16
C PRO B 128 12.12 -27.12 -5.16
N GLY B 129 11.25 -26.19 -5.53
CA GLY B 129 11.67 -24.80 -5.53
C GLY B 129 12.32 -24.37 -6.82
N VAL B 130 12.17 -25.19 -7.86
CA VAL B 130 12.70 -24.90 -9.19
C VAL B 130 11.61 -25.24 -10.20
N SER B 131 11.71 -24.68 -11.38
CA SER B 131 10.72 -24.87 -12.44
C SER B 131 10.83 -26.20 -13.17
N ASN B 132 9.79 -26.55 -13.90
CA ASN B 132 9.79 -27.77 -14.70
C ASN B 132 10.95 -27.68 -15.68
N GLN B 133 11.18 -26.49 -16.22
CA GLN B 133 12.26 -26.32 -17.20
C GLN B 133 13.60 -26.63 -16.57
N PHE B 134 13.80 -26.20 -15.33
CA PHE B 134 15.06 -26.46 -14.64
C PHE B 134 15.24 -27.98 -14.55
N LEU B 135 14.17 -28.69 -14.20
CA LEU B 135 14.22 -30.14 -14.08
C LEU B 135 14.54 -30.80 -15.41
N ILE B 136 13.95 -30.29 -16.48
CA ILE B 136 14.18 -30.84 -17.81
C ILE B 136 15.61 -30.57 -18.26
N ASN B 137 16.09 -29.35 -18.05
CA ASN B 137 17.45 -28.98 -18.46
C ASN B 137 18.55 -29.73 -17.71
N THR B 138 18.28 -30.15 -16.48
CA THR B 138 19.29 -30.85 -15.69
C THR B 138 19.17 -32.37 -15.85
N ASN B 139 18.29 -32.80 -16.76
CA ASN B 139 18.06 -34.22 -17.01
C ASN B 139 17.60 -34.94 -15.74
N SER B 140 16.71 -34.28 -15.01
CA SER B 140 16.16 -34.82 -13.76
C SER B 140 15.44 -36.14 -14.00
N GLU B 141 15.50 -37.02 -13.01
CA GLU B 141 14.85 -38.32 -13.08
C GLU B 141 13.35 -38.07 -13.27
N LEU B 142 12.83 -37.07 -12.58
CA LEU B 142 11.40 -36.72 -12.68
C LEU B 142 11.01 -36.39 -14.12
N ALA B 143 11.83 -35.59 -14.78
CA ALA B 143 11.55 -35.21 -16.16
C ALA B 143 11.55 -36.42 -17.08
N LEU B 144 12.46 -37.37 -16.87
CA LEU B 144 12.48 -38.55 -17.74
C LEU B 144 11.25 -39.41 -17.49
N MET B 145 10.85 -39.47 -16.22
CA MET B 145 9.69 -40.27 -15.84
C MET B 145 8.42 -39.75 -16.49
N TYR B 146 8.25 -38.43 -16.47
CA TYR B 146 7.06 -37.81 -17.01
C TYR B 146 7.17 -37.23 -18.41
N ASN B 147 8.20 -37.66 -19.13
CA ASN B 147 8.39 -37.23 -20.49
C ASN B 147 8.30 -35.72 -20.71
N ASP B 148 8.96 -34.97 -19.82
CA ASP B 148 9.03 -33.51 -19.87
C ASP B 148 7.68 -32.77 -19.89
N GLU B 149 6.57 -33.47 -19.69
CA GLU B 149 5.26 -32.83 -19.73
C GLU B 149 4.61 -32.69 -18.36
N SER B 150 4.35 -31.44 -17.96
CA SER B 150 3.73 -31.14 -16.66
C SER B 150 4.43 -31.98 -15.61
N VAL B 151 5.75 -31.97 -15.66
CA VAL B 151 6.55 -32.78 -14.76
C VAL B 151 6.17 -32.65 -13.29
N LEU B 152 6.29 -31.45 -12.74
CA LEU B 152 5.97 -31.24 -11.32
C LEU B 152 4.50 -31.48 -10.99
N GLU B 153 3.61 -31.04 -11.87
CA GLU B 153 2.19 -31.22 -11.62
C GLU B 153 1.80 -32.69 -11.52
N ASN B 154 2.35 -33.50 -12.42
CA ASN B 154 2.10 -34.95 -12.38
C ASN B 154 2.64 -35.52 -11.08
N HIS B 155 3.79 -34.99 -10.66
CA HIS B 155 4.44 -35.45 -9.43
C HIS B 155 3.63 -35.07 -8.20
N HIS B 156 3.09 -33.85 -8.19
CA HIS B 156 2.29 -33.41 -7.05
C HIS B 156 1.13 -34.35 -6.85
N LEU B 157 0.50 -34.75 -7.94
CA LEU B 157 -0.64 -35.68 -7.90
C LEU B 157 -0.23 -37.07 -7.43
N ALA B 158 0.85 -37.58 -8.02
CA ALA B 158 1.31 -38.92 -7.66
C ALA B 158 1.60 -38.98 -6.16
N VAL B 159 2.27 -37.95 -5.64
CA VAL B 159 2.61 -37.89 -4.23
C VAL B 159 1.34 -37.75 -3.38
N GLY B 160 0.47 -36.82 -3.77
CA GLY B 160 -0.76 -36.63 -3.01
C GLY B 160 -1.56 -37.91 -2.82
N PHE B 161 -1.69 -38.69 -3.89
CA PHE B 161 -2.44 -39.94 -3.83
C PHE B 161 -1.64 -41.06 -3.18
N LYS B 162 -0.34 -41.10 -3.44
CA LYS B 162 0.49 -42.15 -2.87
C LYS B 162 0.49 -42.08 -1.34
N LEU B 163 0.50 -40.87 -0.79
CA LEU B 163 0.52 -40.71 0.66
C LEU B 163 -0.74 -41.24 1.35
N LEU B 164 -1.79 -41.50 0.58
CA LEU B 164 -3.03 -42.05 1.15
C LEU B 164 -2.75 -43.46 1.65
N GLN B 165 -1.68 -44.06 1.10
CA GLN B 165 -1.30 -45.42 1.44
C GLN B 165 -0.47 -45.58 2.71
N GLU B 166 0.01 -44.49 3.29
CA GLU B 166 0.78 -44.62 4.52
C GLU B 166 -0.19 -44.93 5.66
N GLU B 167 0.36 -45.35 6.79
CA GLU B 167 -0.45 -45.73 7.94
C GLU B 167 -1.49 -44.69 8.39
N HIS B 168 -2.75 -45.11 8.43
CA HIS B 168 -3.84 -44.24 8.87
C HIS B 168 -4.00 -42.97 8.04
N CYS B 169 -3.69 -43.07 6.75
CA CYS B 169 -3.79 -41.90 5.88
C CYS B 169 -4.87 -41.95 4.81
N ASP B 170 -5.63 -43.05 4.74
CA ASP B 170 -6.64 -43.13 3.70
C ASP B 170 -7.96 -42.41 4.02
N ILE B 171 -7.98 -41.11 3.79
CA ILE B 171 -9.16 -40.30 4.05
C ILE B 171 -10.33 -40.58 3.09
N PHE B 172 -10.10 -41.40 2.08
CA PHE B 172 -11.16 -41.74 1.13
C PHE B 172 -11.60 -43.19 1.27
N MET B 173 -11.15 -43.83 2.34
CA MET B 173 -11.48 -45.23 2.60
C MET B 173 -12.97 -45.52 2.61
N ASN B 174 -13.75 -44.62 3.22
CA ASN B 174 -15.18 -44.83 3.32
C ASN B 174 -16.05 -44.30 2.18
N LEU B 175 -15.42 -43.80 1.11
CA LEU B 175 -16.21 -43.34 -0.03
C LEU B 175 -16.54 -44.62 -0.80
N THR B 176 -17.60 -44.59 -1.61
CA THR B 176 -17.93 -45.76 -2.40
C THR B 176 -16.88 -45.86 -3.50
N LYS B 177 -16.85 -47.00 -4.20
CA LYS B 177 -15.88 -47.17 -5.28
C LYS B 177 -16.13 -46.12 -6.35
N LYS B 178 -17.41 -45.91 -6.66
CA LYS B 178 -17.84 -44.93 -7.64
C LYS B 178 -17.36 -43.54 -7.25
N GLN B 179 -17.55 -43.18 -5.99
CA GLN B 179 -17.13 -41.87 -5.49
C GLN B 179 -15.62 -41.67 -5.60
N ARG B 180 -14.85 -42.70 -5.26
CA ARG B 180 -13.40 -42.60 -5.33
C ARG B 180 -12.94 -42.38 -6.78
N GLN B 181 -13.53 -43.13 -7.70
CA GLN B 181 -13.18 -43.01 -9.12
C GLN B 181 -13.48 -41.59 -9.61
N THR B 182 -14.65 -41.09 -9.22
CA THR B 182 -15.07 -39.75 -9.60
C THR B 182 -14.18 -38.68 -8.99
N LEU B 183 -13.90 -38.79 -7.70
CA LEU B 183 -13.06 -37.80 -7.04
C LEU B 183 -11.68 -37.80 -7.66
N ARG B 184 -11.12 -39.00 -7.85
CA ARG B 184 -9.78 -39.12 -8.42
C ARG B 184 -9.72 -38.44 -9.79
N LYS B 185 -10.75 -38.66 -10.60
CA LYS B 185 -10.81 -38.05 -11.93
C LYS B 185 -10.81 -36.52 -11.83
N MET B 186 -11.62 -35.99 -10.92
CA MET B 186 -11.71 -34.55 -10.75
C MET B 186 -10.43 -33.93 -10.19
N VAL B 187 -9.82 -34.58 -9.21
CA VAL B 187 -8.60 -34.04 -8.62
C VAL B 187 -7.46 -33.98 -9.63
N ILE B 188 -7.27 -35.05 -10.40
CA ILE B 188 -6.22 -35.10 -11.40
C ILE B 188 -6.44 -33.95 -12.38
N ASP B 189 -7.68 -33.78 -12.81
CA ASP B 189 -8.03 -32.72 -13.74
C ASP B 189 -7.67 -31.34 -13.19
N MET B 190 -8.08 -31.05 -11.96
CA MET B 190 -7.79 -29.76 -11.35
C MET B 190 -6.31 -29.48 -11.12
N VAL B 191 -5.57 -30.48 -10.65
CA VAL B 191 -4.14 -30.25 -10.42
C VAL B 191 -3.37 -30.10 -11.71
N LEU B 192 -3.64 -30.93 -12.70
CA LEU B 192 -2.93 -30.81 -13.97
C LEU B 192 -3.19 -29.44 -14.59
N ALA B 193 -4.34 -28.87 -14.25
CA ALA B 193 -4.72 -27.56 -14.77
C ALA B 193 -3.94 -26.42 -14.13
N THR B 194 -3.22 -26.71 -13.04
CA THR B 194 -2.44 -25.66 -12.40
C THR B 194 -1.12 -25.41 -13.12
N ASP B 195 -0.84 -26.22 -14.14
CA ASP B 195 0.37 -26.05 -14.94
C ASP B 195 0.15 -24.75 -15.69
N MET B 196 1.01 -23.77 -15.47
CA MET B 196 0.84 -22.49 -16.15
C MET B 196 0.82 -22.59 -17.67
N SER B 197 1.38 -23.66 -18.22
CA SER B 197 1.39 -23.85 -19.66
C SER B 197 -0.01 -24.08 -20.19
N LYS B 198 -0.95 -24.38 -19.29
CA LYS B 198 -2.33 -24.63 -19.69
C LYS B 198 -3.25 -23.43 -19.43
N HIS B 199 -2.68 -22.37 -18.87
CA HIS B 199 -3.45 -21.17 -18.55
C HIS B 199 -4.35 -20.63 -19.66
N MET B 200 -3.76 -20.30 -20.79
CA MET B 200 -4.51 -19.75 -21.92
C MET B 200 -5.70 -20.62 -22.32
N SER B 201 -5.52 -21.93 -22.28
CA SER B 201 -6.60 -22.85 -22.65
C SER B 201 -7.71 -22.84 -21.60
N LEU B 202 -7.33 -22.71 -20.32
CA LEU B 202 -8.32 -22.66 -19.26
C LEU B 202 -9.18 -21.41 -19.43
N LEU B 203 -8.50 -20.29 -19.60
CA LEU B 203 -9.17 -19.00 -19.78
C LEU B 203 -10.14 -19.03 -20.95
N ALA B 204 -9.68 -19.52 -22.10
CA ALA B 204 -10.53 -19.60 -23.29
C ALA B 204 -11.81 -20.34 -22.95
N ASP B 205 -11.65 -21.47 -22.28
CA ASP B 205 -12.80 -22.30 -21.88
C ASP B 205 -13.70 -21.59 -20.89
N LEU B 206 -13.10 -20.89 -19.92
CA LEU B 206 -13.88 -20.18 -18.91
C LEU B 206 -14.73 -19.08 -19.55
N LYS B 207 -14.18 -18.43 -20.58
CA LYS B 207 -14.89 -17.36 -21.27
C LYS B 207 -16.09 -17.94 -21.99
N THR B 208 -15.87 -19.05 -22.69
CA THR B 208 -16.94 -19.72 -23.43
C THR B 208 -18.03 -20.10 -22.42
N MET B 209 -17.60 -20.46 -21.22
CA MET B 209 -18.51 -20.84 -20.14
C MET B 209 -19.41 -19.67 -19.77
N VAL B 210 -18.80 -18.50 -19.56
CA VAL B 210 -19.54 -17.29 -19.20
C VAL B 210 -20.60 -16.90 -20.23
N GLU B 211 -20.25 -17.03 -21.51
CA GLU B 211 -21.16 -16.67 -22.59
C GLU B 211 -22.48 -17.44 -22.57
N THR B 212 -22.44 -18.71 -22.20
CA THR B 212 -23.63 -19.55 -22.18
C THR B 212 -24.15 -19.85 -20.78
N LYS B 213 -23.75 -19.04 -19.80
CA LYS B 213 -24.19 -19.28 -18.43
C LYS B 213 -25.70 -19.12 -18.22
N LYS B 214 -26.22 -19.88 -17.26
CA LYS B 214 -27.64 -19.85 -16.93
C LYS B 214 -27.80 -19.66 -15.42
N VAL B 215 -28.95 -19.18 -14.99
CA VAL B 215 -29.19 -18.96 -13.58
C VAL B 215 -30.53 -19.49 -13.10
N THR B 216 -30.68 -19.57 -11.79
CA THR B 216 -31.91 -20.04 -11.17
C THR B 216 -32.82 -18.83 -10.99
N SER B 217 -34.02 -19.06 -10.47
CA SER B 217 -34.97 -17.99 -10.24
C SER B 217 -34.41 -17.01 -9.20
N SER B 218 -33.32 -17.39 -8.56
CA SER B 218 -32.70 -16.54 -7.54
C SER B 218 -31.43 -15.89 -8.09
N GLY B 219 -31.14 -16.13 -9.36
CA GLY B 219 -29.96 -15.55 -9.98
C GLY B 219 -28.71 -16.37 -9.80
N VAL B 220 -28.81 -17.47 -9.05
CA VAL B 220 -27.67 -18.35 -8.80
C VAL B 220 -27.32 -19.14 -10.06
N LEU B 221 -26.03 -19.30 -10.33
CA LEU B 221 -25.57 -20.04 -11.51
C LEU B 221 -26.04 -21.48 -11.58
N LEU B 222 -26.33 -21.94 -12.80
CA LEU B 222 -26.78 -23.30 -13.04
C LEU B 222 -25.77 -24.07 -13.90
N LEU B 223 -25.10 -25.03 -13.29
CA LEU B 223 -24.12 -25.86 -13.99
C LEU B 223 -24.71 -27.27 -13.99
N ASP B 224 -25.48 -27.56 -15.05
CA ASP B 224 -26.17 -28.83 -15.22
C ASP B 224 -25.38 -30.11 -15.47
N ASN B 225 -24.31 -30.03 -16.26
CA ASN B 225 -23.54 -31.25 -16.52
C ASN B 225 -22.16 -31.24 -15.90
N TYR B 226 -21.59 -32.44 -15.76
CA TYR B 226 -20.27 -32.63 -15.18
C TYR B 226 -19.21 -31.79 -15.88
N THR B 227 -19.16 -31.90 -17.20
CA THR B 227 -18.19 -31.17 -18.00
C THR B 227 -18.11 -29.69 -17.60
N ASP B 228 -19.26 -29.07 -17.37
CA ASP B 228 -19.29 -27.67 -16.98
C ASP B 228 -18.85 -27.46 -15.54
N ARG B 229 -19.26 -28.38 -14.66
CA ARG B 229 -18.88 -28.28 -13.27
C ARG B 229 -17.37 -28.39 -13.08
N ILE B 230 -16.75 -29.37 -13.74
CA ILE B 230 -15.31 -29.55 -13.62
C ILE B 230 -14.55 -28.38 -14.26
N GLN B 231 -15.13 -27.83 -15.33
CA GLN B 231 -14.52 -26.69 -16.00
C GLN B 231 -14.44 -25.49 -15.06
N VAL B 232 -15.48 -25.30 -14.26
CA VAL B 232 -15.51 -24.20 -13.30
C VAL B 232 -14.57 -24.47 -12.11
N LEU B 233 -14.63 -25.69 -11.58
CA LEU B 233 -13.78 -26.07 -10.46
C LEU B 233 -12.30 -25.96 -10.85
N ARG B 234 -12.00 -26.38 -12.06
CA ARG B 234 -10.66 -26.36 -12.62
C ARG B 234 -10.15 -24.91 -12.60
N ASN B 235 -10.99 -24.00 -13.08
CA ASN B 235 -10.62 -22.59 -13.12
C ASN B 235 -10.62 -21.97 -11.72
N MET B 236 -11.50 -22.45 -10.87
CA MET B 236 -11.58 -21.94 -9.51
C MET B 236 -10.26 -22.18 -8.78
N VAL B 237 -9.73 -23.39 -8.88
CA VAL B 237 -8.48 -23.73 -8.23
C VAL B 237 -7.35 -22.90 -8.83
N HIS B 238 -7.38 -22.72 -10.14
CA HIS B 238 -6.38 -21.93 -10.85
C HIS B 238 -6.41 -20.49 -10.35
N CYS B 239 -7.61 -19.95 -10.14
CA CYS B 239 -7.73 -18.59 -9.63
C CYS B 239 -7.19 -18.50 -8.21
N ALA B 240 -7.51 -19.50 -7.40
CA ALA B 240 -7.04 -19.51 -6.02
C ALA B 240 -5.52 -19.54 -6.03
N ASP B 241 -4.96 -20.30 -6.97
CA ASP B 241 -3.51 -20.43 -7.09
C ASP B 241 -2.90 -19.08 -7.49
N LEU B 242 -3.64 -18.30 -8.28
CA LEU B 242 -3.15 -17.00 -8.73
C LEU B 242 -3.91 -15.87 -8.01
N SER B 243 -4.16 -16.04 -6.72
CA SER B 243 -4.91 -15.04 -5.96
C SER B 243 -4.06 -14.07 -5.12
N ASN B 244 -2.74 -14.26 -5.07
CA ASN B 244 -1.88 -13.37 -4.27
C ASN B 244 -2.12 -11.88 -4.55
N PRO B 245 -2.18 -11.49 -5.84
CA PRO B 245 -2.39 -10.07 -6.15
C PRO B 245 -3.78 -9.53 -5.80
N THR B 246 -4.69 -10.41 -5.42
CA THR B 246 -6.05 -9.97 -5.09
C THR B 246 -6.26 -9.81 -3.59
N LYS B 247 -5.22 -10.09 -2.81
CA LYS B 247 -5.30 -9.95 -1.36
C LYS B 247 -4.84 -8.55 -0.96
N SER B 248 -4.96 -8.23 0.32
CA SER B 248 -4.54 -6.91 0.81
C SER B 248 -3.08 -6.69 0.44
N LEU B 249 -2.69 -5.43 0.21
CA LEU B 249 -1.33 -5.10 -0.17
C LEU B 249 -0.32 -5.72 0.81
N GLU B 250 -0.64 -5.64 2.10
CA GLU B 250 0.24 -6.19 3.13
C GLU B 250 0.55 -7.66 2.87
N LEU B 251 -0.47 -8.44 2.52
CA LEU B 251 -0.27 -9.87 2.25
C LEU B 251 0.41 -10.06 0.89
N TYR B 252 -0.09 -9.35 -0.11
CA TYR B 252 0.48 -9.45 -1.45
C TYR B 252 1.97 -9.18 -1.46
N ARG B 253 2.41 -8.16 -0.73
CA ARG B 253 3.84 -7.83 -0.69
C ARG B 253 4.63 -8.97 -0.05
N GLN B 254 4.03 -9.64 0.92
CA GLN B 254 4.69 -10.76 1.58
C GLN B 254 4.84 -11.93 0.61
N TRP B 255 3.82 -12.18 -0.20
CA TRP B 255 3.86 -13.26 -1.17
C TRP B 255 4.90 -12.98 -2.25
N THR B 256 4.95 -11.73 -2.73
CA THR B 256 5.92 -11.39 -3.78
C THR B 256 7.35 -11.51 -3.27
N ASP B 257 7.57 -11.15 -2.02
CA ASP B 257 8.91 -11.27 -1.44
C ASP B 257 9.34 -12.74 -1.55
N ARG B 258 8.42 -13.64 -1.22
CA ARG B 258 8.68 -15.08 -1.29
C ARG B 258 8.88 -15.56 -2.72
N ILE B 259 8.05 -15.09 -3.63
CA ILE B 259 8.13 -15.45 -5.03
C ILE B 259 9.52 -15.12 -5.57
N MET B 260 9.98 -13.90 -5.31
CA MET B 260 11.29 -13.46 -5.77
C MET B 260 12.40 -14.25 -5.06
N GLU B 261 12.20 -14.51 -3.76
CA GLU B 261 13.19 -15.25 -3.00
C GLU B 261 13.41 -16.62 -3.65
N GLU B 262 12.32 -17.26 -4.08
CA GLU B 262 12.43 -18.58 -4.70
C GLU B 262 13.11 -18.48 -6.07
N PHE B 263 12.78 -17.45 -6.85
CA PHE B 263 13.40 -17.27 -8.16
C PHE B 263 14.91 -17.17 -7.95
N PHE B 264 15.31 -16.34 -7.00
CA PHE B 264 16.73 -16.15 -6.72
C PHE B 264 17.39 -17.42 -6.19
N GLN B 265 16.60 -18.29 -5.57
CA GLN B 265 17.15 -19.55 -5.07
C GLN B 265 17.51 -20.41 -6.28
N GLN B 266 16.64 -20.41 -7.29
CA GLN B 266 16.91 -21.20 -8.50
C GLN B 266 18.10 -20.58 -9.21
N GLY B 267 18.15 -19.25 -9.21
CA GLY B 267 19.24 -18.55 -9.86
C GLY B 267 20.58 -18.94 -9.26
N ASP B 268 20.62 -19.07 -7.94
CA ASP B 268 21.85 -19.46 -7.28
C ASP B 268 22.22 -20.88 -7.71
N LYS B 269 21.22 -21.76 -7.79
CA LYS B 269 21.47 -23.14 -8.19
C LYS B 269 22.05 -23.18 -9.61
N GLU B 270 21.49 -22.37 -10.50
CA GLU B 270 21.97 -22.34 -11.89
C GLU B 270 23.43 -21.88 -11.91
N ARG B 271 23.73 -20.83 -11.16
CA ARG B 271 25.09 -20.30 -11.08
C ARG B 271 26.03 -21.36 -10.51
N GLU B 272 25.57 -22.03 -9.46
CA GLU B 272 26.36 -23.07 -8.82
C GLU B 272 26.65 -24.23 -9.77
N ARG B 273 25.69 -24.55 -10.63
CA ARG B 273 25.85 -25.67 -11.56
C ARG B 273 26.34 -25.27 -12.95
N GLY B 274 26.83 -24.04 -13.08
CA GLY B 274 27.35 -23.56 -14.34
C GLY B 274 26.33 -23.45 -15.44
N MET B 275 25.09 -23.11 -15.07
CA MET B 275 24.01 -22.96 -16.02
C MET B 275 23.75 -21.48 -16.24
N GLU B 276 23.24 -21.13 -17.41
CA GLU B 276 22.93 -19.73 -17.68
C GLU B 276 21.78 -19.39 -16.74
N ILE B 277 21.80 -18.18 -16.19
CA ILE B 277 20.75 -17.75 -15.25
C ILE B 277 19.45 -17.45 -15.96
N SER B 278 18.37 -18.12 -15.53
CA SER B 278 17.06 -17.93 -16.13
C SER B 278 16.51 -16.53 -15.86
N PRO B 279 15.53 -16.09 -16.67
CA PRO B 279 14.94 -14.76 -16.49
C PRO B 279 14.32 -14.62 -15.11
N MET B 280 14.51 -13.45 -14.50
CA MET B 280 13.96 -13.17 -13.18
C MET B 280 14.67 -13.90 -12.04
N CYS B 281 15.60 -14.79 -12.37
CA CYS B 281 16.31 -15.53 -11.34
C CYS B 281 17.64 -14.91 -10.92
N ASP B 282 18.01 -13.81 -11.57
CA ASP B 282 19.25 -13.10 -11.25
C ASP B 282 18.90 -11.92 -10.35
N LYS B 283 19.35 -11.97 -9.09
CA LYS B 283 19.05 -10.93 -8.11
C LYS B 283 19.56 -9.52 -8.43
N HIS B 284 20.51 -9.39 -9.35
CA HIS B 284 21.04 -8.07 -9.67
C HIS B 284 20.51 -7.55 -11.01
N THR B 285 19.54 -8.27 -11.57
CA THR B 285 18.93 -7.91 -12.86
C THR B 285 17.40 -7.95 -12.77
N ALA B 286 16.88 -8.90 -12.01
CA ALA B 286 15.44 -9.08 -11.86
C ALA B 286 14.72 -7.87 -11.28
N SER B 287 13.59 -7.52 -11.90
CA SER B 287 12.77 -6.40 -11.46
C SER B 287 11.43 -6.92 -10.94
N VAL B 288 11.29 -6.98 -9.63
CA VAL B 288 10.07 -7.46 -9.00
C VAL B 288 8.84 -6.69 -9.46
N GLU B 289 8.95 -5.36 -9.51
CA GLU B 289 7.82 -4.53 -9.93
C GLU B 289 7.44 -4.75 -11.38
N LYS B 290 8.43 -4.78 -12.28
CA LYS B 290 8.14 -4.99 -13.70
C LYS B 290 7.49 -6.36 -13.93
N SER B 291 7.96 -7.37 -13.22
CA SER B 291 7.42 -8.71 -13.37
C SER B 291 6.01 -8.88 -12.82
N GLN B 292 5.72 -8.23 -11.69
CA GLN B 292 4.39 -8.32 -11.11
C GLN B 292 3.37 -7.61 -11.98
N VAL B 293 3.73 -6.43 -12.46
CA VAL B 293 2.84 -5.67 -13.33
C VAL B 293 2.57 -6.44 -14.61
N GLY B 294 3.61 -7.09 -15.14
CA GLY B 294 3.45 -7.85 -16.36
C GLY B 294 2.63 -9.10 -16.10
N PHE B 295 2.86 -9.72 -14.94
CA PHE B 295 2.15 -10.92 -14.54
C PHE B 295 0.66 -10.60 -14.36
N ILE B 296 0.38 -9.46 -13.73
CA ILE B 296 -1.00 -9.04 -13.50
C ILE B 296 -1.73 -8.68 -14.81
N ASP B 297 -1.10 -7.82 -15.61
CA ASP B 297 -1.71 -7.39 -16.87
C ASP B 297 -1.96 -8.52 -17.87
N TYR B 298 -1.01 -9.44 -18.00
CA TYR B 298 -1.13 -10.52 -18.98
C TYR B 298 -1.73 -11.83 -18.47
N ILE B 299 -1.64 -12.09 -17.17
CA ILE B 299 -2.16 -13.34 -16.64
C ILE B 299 -3.26 -13.22 -15.59
N VAL B 300 -2.92 -12.62 -14.45
CA VAL B 300 -3.86 -12.49 -13.34
C VAL B 300 -5.13 -11.70 -13.59
N HIS B 301 -5.01 -10.49 -14.13
CA HIS B 301 -6.19 -9.67 -14.37
C HIS B 301 -7.14 -10.29 -15.39
N PRO B 302 -6.62 -10.75 -16.55
CA PRO B 302 -7.49 -11.36 -17.55
C PRO B 302 -8.27 -12.53 -16.96
N LEU B 303 -7.60 -13.31 -16.13
CA LEU B 303 -8.22 -14.46 -15.49
C LEU B 303 -9.30 -14.06 -14.50
N TRP B 304 -8.94 -13.21 -13.54
CA TRP B 304 -9.90 -12.77 -12.54
C TRP B 304 -11.02 -11.93 -13.12
N GLU B 305 -10.73 -11.27 -14.24
CA GLU B 305 -11.74 -10.46 -14.90
C GLU B 305 -12.82 -11.40 -15.42
N THR B 306 -12.40 -12.54 -15.96
CA THR B 306 -13.33 -13.53 -16.50
C THR B 306 -14.08 -14.22 -15.36
N TRP B 307 -13.38 -14.54 -14.29
CA TRP B 307 -14.02 -15.17 -13.14
C TRP B 307 -15.11 -14.25 -12.61
N ALA B 308 -14.74 -12.99 -12.38
CA ALA B 308 -15.68 -12.00 -11.87
C ALA B 308 -16.93 -11.95 -12.76
N ASP B 309 -16.71 -12.10 -14.06
CA ASP B 309 -17.77 -12.10 -15.05
C ASP B 309 -18.76 -13.23 -14.73
N LEU B 310 -18.22 -14.42 -14.52
CA LEU B 310 -19.01 -15.60 -14.21
C LEU B 310 -19.85 -15.45 -12.94
N VAL B 311 -19.23 -14.98 -11.87
CA VAL B 311 -19.93 -14.82 -10.59
C VAL B 311 -20.37 -13.39 -10.31
N GLN B 312 -20.50 -12.57 -11.35
CA GLN B 312 -20.90 -11.17 -11.19
C GLN B 312 -22.08 -11.03 -10.22
N PRO B 313 -21.96 -10.11 -9.24
CA PRO B 313 -20.84 -9.20 -8.96
C PRO B 313 -20.00 -9.65 -7.77
N ASP B 314 -20.08 -10.94 -7.44
CA ASP B 314 -19.36 -11.52 -6.31
C ASP B 314 -17.90 -11.08 -6.13
N ALA B 315 -17.14 -11.04 -7.22
CA ALA B 315 -15.73 -10.68 -7.14
C ALA B 315 -15.33 -9.25 -7.52
N GLN B 316 -16.26 -8.30 -7.42
CA GLN B 316 -15.93 -6.93 -7.78
C GLN B 316 -14.89 -6.32 -6.85
N ASP B 317 -15.00 -6.61 -5.56
CA ASP B 317 -14.03 -6.06 -4.60
C ASP B 317 -12.65 -6.65 -4.82
N ILE B 318 -12.61 -7.88 -5.33
CA ILE B 318 -11.35 -8.54 -5.62
C ILE B 318 -10.66 -7.80 -6.76
N LEU B 319 -11.42 -7.46 -7.79
CA LEU B 319 -10.87 -6.74 -8.94
C LEU B 319 -10.37 -5.35 -8.54
N ASP B 320 -11.08 -4.69 -7.63
CA ASP B 320 -10.66 -3.36 -7.17
C ASP B 320 -9.31 -3.46 -6.47
N THR B 321 -9.17 -4.44 -5.58
CA THR B 321 -7.93 -4.64 -4.84
C THR B 321 -6.80 -4.96 -5.82
N LEU B 322 -7.09 -5.83 -6.79
CA LEU B 322 -6.11 -6.22 -7.79
C LEU B 322 -5.61 -4.98 -8.53
N GLU B 323 -6.51 -4.07 -8.82
CA GLU B 323 -6.16 -2.84 -9.53
C GLU B 323 -5.25 -1.95 -8.68
N ASP B 324 -5.62 -1.76 -7.42
CA ASP B 324 -4.81 -0.95 -6.52
C ASP B 324 -3.41 -1.53 -6.35
N ASN B 325 -3.34 -2.84 -6.13
CA ASN B 325 -2.04 -3.50 -5.94
C ASN B 325 -1.20 -3.41 -7.20
N ARG B 326 -1.84 -3.55 -8.35
CA ARG B 326 -1.16 -3.47 -9.62
C ARG B 326 -0.49 -2.10 -9.72
N ASN B 327 -1.24 -1.05 -9.41
CA ASN B 327 -0.71 0.31 -9.47
C ASN B 327 0.34 0.60 -8.40
N TRP B 328 0.33 -0.14 -7.30
CA TRP B 328 1.32 0.07 -6.27
C TRP B 328 2.70 -0.30 -6.83
N TYR B 329 2.77 -1.40 -7.58
CA TYR B 329 4.03 -1.82 -8.16
C TYR B 329 4.37 -0.99 -9.40
N GLN B 330 3.34 -0.54 -10.11
CA GLN B 330 3.53 0.28 -11.30
C GLN B 330 4.31 1.55 -10.94
N SER B 331 4.09 2.05 -9.73
CA SER B 331 4.77 3.26 -9.26
C SER B 331 6.28 3.06 -9.15
N MET B 332 6.71 1.81 -9.08
CA MET B 332 8.13 1.51 -8.96
C MET B 332 8.80 1.37 -10.33
N ILE B 333 8.00 1.25 -11.38
CA ILE B 333 8.54 1.12 -12.73
C ILE B 333 8.89 2.52 -13.21
N PRO B 334 10.17 2.80 -13.46
CA PRO B 334 10.53 4.13 -13.92
C PRO B 334 9.75 4.51 -15.18
N GLN B 335 9.93 5.74 -15.65
CA GLN B 335 9.26 6.25 -16.84
C GLN B 335 8.19 5.33 -17.44
N ALA B 336 8.64 4.19 -17.98
CA ALA B 336 7.74 3.22 -18.60
C ALA B 336 7.17 3.83 -19.89
N PRO B 337 6.44 3.03 -20.68
CA PRO B 337 5.87 3.55 -21.94
C PRO B 337 4.49 4.17 -21.68
ZN ZN C . 5.64 24.35 1.70
MG MG D . 7.98 27.54 1.43
AS ARS E . 8.96 23.58 0.57
AS ARS F . -15.00 19.22 0.03
AS ARS G . 12.37 22.71 -0.48
ZN ZN H . 0.48 -23.17 -6.36
MG MG I . 2.42 -25.31 -9.21
AS ARS J . 2.20 -20.91 -8.73
AS ARS K . -5.96 -25.99 13.78
#